data_6H1J
#
_entry.id   6H1J
#
_cell.length_a   43.370
_cell.length_b   95.250
_cell.length_c   125.470
_cell.angle_alpha   90.00
_cell.angle_beta   96.57
_cell.angle_gamma   90.00
#
_symmetry.space_group_name_H-M   'P 1 21 1'
#
loop_
_entity.id
_entity.type
_entity.pdbx_description
1 polymer 'Probable ss-1,3-N-acetylglucosaminyltransferase'
2 non-polymer 'CHLORIDE ION'
3 non-polymer 'MAGNESIUM ION'
4 water water
#
_entity_poly.entity_id   1
_entity_poly.type   'polypeptide(L)'
_entity_poly.pdbx_seq_one_letter_code
;MRGSHHHHHHGSLVPRGSMKKVSVIMPTFNNGEKLHRTISSVLNQTMKSTDYELIIIDDHSNDNGETLNVIKKYKGLVRF
KQLKKNSGNASVPRNTGLKMSKAEYVFFLDSDDLLHERALEDLYNYGKENNSDLIIGKYGVEGKGRSVPKAIFEKGNVAK
ADIIDNSIFYALSVLKMFKKSVIDKNKIKFKTFSKTAEDQLFTIEFLMNSKNYSIKTDYEYYIVVNDFESSNHLSVNKST
GNQYFATINEIYKAIYKSPIYKNQEKRHQLAGKYTTRLLRHGQKKNFANSKMKYEDKIEWLNNFSKTINKVPRDSDKYVT
QIFNLKLEAIRQNDLLAVMIADKLL
;
_entity_poly.pdbx_strand_id   A,B,C
#
# COMPACT_ATOMS: atom_id res chain seq x y z
N MET A 19 -28.78 22.41 50.85
CA MET A 19 -28.11 21.89 49.62
C MET A 19 -27.88 20.37 49.77
N LYS A 20 -28.42 19.59 48.83
CA LYS A 20 -28.20 18.15 48.84
C LYS A 20 -26.75 17.88 48.41
N LYS A 21 -26.24 16.72 48.81
CA LYS A 21 -24.94 16.27 48.43
C LYS A 21 -24.95 15.87 46.94
N VAL A 22 -25.98 15.13 46.50
CA VAL A 22 -26.01 14.53 45.13
C VAL A 22 -27.42 14.57 44.51
N SER A 23 -27.54 15.13 43.30
CA SER A 23 -28.69 14.93 42.40
C SER A 23 -28.34 13.85 41.37
N VAL A 24 -29.04 12.72 41.42
CA VAL A 24 -28.99 11.72 40.37
C VAL A 24 -29.93 12.18 39.23
N ILE A 25 -29.37 12.35 38.04
CA ILE A 25 -30.15 12.81 36.88
C ILE A 25 -30.32 11.62 35.92
N MET A 26 -31.57 11.28 35.62
CA MET A 26 -31.92 10.07 34.89
C MET A 26 -32.97 10.39 33.83
N PRO A 27 -32.59 10.55 32.54
CA PRO A 27 -33.56 10.60 31.45
C PRO A 27 -34.22 9.24 31.27
N THR A 28 -35.50 9.24 30.88
CA THR A 28 -36.22 8.02 30.52
C THR A 28 -36.82 8.17 29.12
N PHE A 29 -37.02 7.01 28.49
CA PHE A 29 -37.79 6.90 27.25
C PHE A 29 -38.14 5.44 27.02
N ASN A 30 -39.44 5.11 27.15
CA ASN A 30 -40.02 3.83 26.80
C ASN A 30 -39.32 2.68 27.53
N ASN A 31 -38.98 2.90 28.82
CA ASN A 31 -38.22 1.92 29.58
C ASN A 31 -39.14 0.79 30.08
N GLY A 32 -40.37 1.12 30.46
CA GLY A 32 -41.32 0.10 30.96
C GLY A 32 -40.86 -0.46 32.30
N GLU A 33 -41.26 -1.72 32.56
CA GLU A 33 -41.20 -2.34 33.90
C GLU A 33 -39.75 -2.50 34.39
N LYS A 34 -38.79 -2.59 33.47
CA LYS A 34 -37.36 -2.73 33.81
C LYS A 34 -36.90 -1.54 34.66
N LEU A 35 -37.64 -0.43 34.59
CA LEU A 35 -37.29 0.81 35.26
C LEU A 35 -37.48 0.70 36.78
N HIS A 36 -38.29 -0.27 37.25
CA HIS A 36 -38.45 -0.50 38.70
C HIS A 36 -37.10 -0.80 39.36
N ARG A 37 -36.27 -1.63 38.71
CA ARG A 37 -35.03 -2.10 39.32
C ARG A 37 -34.02 -0.95 39.44
N THR A 38 -33.98 -0.10 38.40
CA THR A 38 -33.16 1.10 38.36
C THR A 38 -33.55 2.06 39.49
N ILE A 39 -34.83 2.44 39.53
CA ILE A 39 -35.31 3.41 40.51
C ILE A 39 -35.06 2.86 41.92
N SER A 40 -35.43 1.59 42.11
CA SER A 40 -35.24 0.91 43.37
C SER A 40 -33.77 0.94 43.82
N SER A 41 -32.83 0.77 42.87
CA SER A 41 -31.38 0.76 43.21
C SER A 41 -30.95 2.13 43.79
N VAL A 42 -31.59 3.21 43.31
CA VAL A 42 -31.30 4.58 43.69
C VAL A 42 -31.96 4.92 45.03
N LEU A 43 -33.20 4.47 45.23
CA LEU A 43 -33.93 4.80 46.47
C LEU A 43 -33.37 3.99 47.63
N ASN A 44 -32.63 2.90 47.36
CA ASN A 44 -32.12 2.06 48.44
C ASN A 44 -30.61 2.27 48.63
N GLN A 45 -30.13 3.49 48.38
CA GLN A 45 -28.75 3.86 48.68
C GLN A 45 -28.49 3.84 50.20
N THR A 46 -27.24 3.52 50.59
CA THR A 46 -26.78 3.69 52.01
C THR A 46 -26.82 5.17 52.41
N MET A 47 -26.57 6.08 51.46
CA MET A 47 -26.67 7.51 51.78
C MET A 47 -28.08 7.79 52.32
N LYS A 48 -28.17 8.68 53.31
CA LYS A 48 -29.46 9.18 53.80
C LYS A 48 -30.21 9.92 52.69
N SER A 49 -31.51 9.62 52.57
CA SER A 49 -32.33 10.18 51.52
C SER A 49 -32.49 11.69 51.70
N THR A 50 -32.16 12.25 52.87
CA THR A 50 -32.13 13.69 53.07
C THR A 50 -31.09 14.36 52.15
N ASP A 51 -30.02 13.64 51.82
CA ASP A 51 -28.79 14.17 51.22
C ASP A 51 -28.73 13.96 49.70
N TYR A 52 -29.70 13.23 49.14
CA TYR A 52 -29.71 13.06 47.68
C TYR A 52 -31.15 13.06 47.18
N GLU A 53 -31.28 13.27 45.87
CA GLU A 53 -32.55 13.31 45.16
C GLU A 53 -32.35 12.60 43.82
N LEU A 54 -33.40 11.95 43.33
CA LEU A 54 -33.42 11.39 41.97
C LEU A 54 -34.31 12.30 41.12
N ILE A 55 -33.73 12.91 40.10
CA ILE A 55 -34.46 13.73 39.14
C ILE A 55 -34.71 12.90 37.87
N ILE A 56 -35.98 12.59 37.59
CA ILE A 56 -36.34 11.77 36.44
C ILE A 56 -36.92 12.68 35.35
N ILE A 57 -36.30 12.70 34.17
CA ILE A 57 -36.76 13.54 33.03
C ILE A 57 -37.18 12.60 31.89
N ASP A 58 -38.49 12.44 31.69
CA ASP A 58 -39.02 11.58 30.66
C ASP A 58 -39.04 12.36 29.33
N ASP A 59 -38.39 11.78 28.32
CA ASP A 59 -38.33 12.36 27.00
C ASP A 59 -39.59 11.98 26.20
N HIS A 60 -40.76 12.26 26.77
CA HIS A 60 -42.07 12.09 26.12
C HIS A 60 -42.20 10.65 25.58
N SER A 61 -42.19 9.68 26.51
CA SER A 61 -42.38 8.26 26.22
C SER A 61 -43.70 8.09 25.47
N ASN A 62 -43.81 7.04 24.66
CA ASN A 62 -44.96 6.79 23.79
C ASN A 62 -45.33 5.30 23.83
N ASP A 63 -45.17 4.65 25.00
CA ASP A 63 -45.35 3.20 25.14
C ASP A 63 -46.66 2.91 25.86
N ASN A 64 -47.72 3.57 25.35
CA ASN A 64 -49.05 3.59 25.88
C ASN A 64 -49.00 3.55 27.42
N GLY A 65 -48.25 4.49 27.99
CA GLY A 65 -48.39 4.87 29.39
C GLY A 65 -47.54 4.04 30.34
N GLU A 66 -46.84 3.03 29.84
CA GLU A 66 -46.26 2.01 30.69
C GLU A 66 -45.06 2.57 31.49
N THR A 67 -44.23 3.41 30.86
CA THR A 67 -43.08 4.04 31.53
C THR A 67 -43.58 5.03 32.60
N LEU A 68 -44.56 5.86 32.22
CA LEU A 68 -45.04 6.94 33.08
C LEU A 68 -45.76 6.31 34.28
N ASN A 69 -46.36 5.14 34.05
CA ASN A 69 -47.07 4.38 35.08
C ASN A 69 -46.11 3.79 36.12
N VAL A 70 -44.93 3.33 35.71
CA VAL A 70 -43.89 2.88 36.63
C VAL A 70 -43.44 4.06 37.49
N ILE A 71 -43.14 5.19 36.84
CA ILE A 71 -42.62 6.37 37.49
C ILE A 71 -43.60 6.87 38.55
N LYS A 72 -44.91 6.79 38.26
CA LYS A 72 -45.99 7.33 39.12
C LYS A 72 -46.04 6.57 40.45
N LYS A 73 -45.67 5.28 40.45
CA LYS A 73 -45.59 4.50 41.70
C LYS A 73 -44.58 5.11 42.69
N TYR A 74 -43.65 5.99 42.24
CA TYR A 74 -42.64 6.60 43.14
C TYR A 74 -42.91 8.09 43.39
N LYS A 75 -44.12 8.56 43.08
CA LYS A 75 -44.49 9.94 43.37
C LYS A 75 -44.22 10.24 44.85
N GLY A 76 -43.64 11.40 45.10
CA GLY A 76 -43.25 11.80 46.45
C GLY A 76 -41.86 11.37 46.84
N LEU A 77 -41.25 10.43 46.08
CA LEU A 77 -39.91 9.95 46.37
C LEU A 77 -38.91 10.44 45.32
N VAL A 78 -39.40 11.08 44.26
CA VAL A 78 -38.54 11.53 43.17
C VAL A 78 -38.98 12.94 42.76
N ARG A 79 -38.12 13.64 42.03
CA ARG A 79 -38.58 14.78 41.24
C ARG A 79 -38.72 14.35 39.79
N PHE A 80 -39.74 14.88 39.12
CA PHE A 80 -40.05 14.40 37.81
C PHE A 80 -40.43 15.58 36.92
N LYS A 81 -39.95 15.54 35.67
CA LYS A 81 -40.39 16.43 34.62
C LYS A 81 -40.53 15.62 33.32
N GLN A 82 -41.61 15.87 32.58
CA GLN A 82 -41.76 15.32 31.26
C GLN A 82 -41.63 16.44 30.23
N LEU A 83 -40.80 16.22 29.22
CA LEU A 83 -40.66 17.14 28.11
C LEU A 83 -41.87 16.97 27.19
N LYS A 84 -42.20 18.04 26.45
CA LYS A 84 -43.42 18.14 25.64
C LYS A 84 -43.26 17.32 24.35
N LYS A 85 -42.08 17.43 23.75
CA LYS A 85 -41.70 16.81 22.50
C LYS A 85 -40.47 15.94 22.75
N ASN A 86 -40.42 14.77 22.13
CA ASN A 86 -39.29 13.88 22.28
C ASN A 86 -38.10 14.53 21.54
N SER A 87 -36.97 14.68 22.26
CA SER A 87 -35.76 15.32 21.74
C SER A 87 -34.96 14.34 20.87
N GLY A 88 -35.00 13.05 21.24
CA GLY A 88 -34.39 11.95 20.48
C GLY A 88 -32.97 11.63 20.91
N ASN A 89 -32.53 12.14 22.07
CA ASN A 89 -31.21 11.82 22.66
C ASN A 89 -31.15 12.41 24.07
N ALA A 90 -30.22 11.92 24.90
CA ALA A 90 -30.20 12.26 26.35
C ALA A 90 -29.76 13.72 26.62
N SER A 91 -29.38 14.51 25.61
CA SER A 91 -28.79 15.84 25.87
C SER A 91 -29.82 16.79 26.49
N VAL A 92 -31.00 16.94 25.86
CA VAL A 92 -31.97 17.91 26.33
C VAL A 92 -32.48 17.49 27.71
N PRO A 93 -32.89 16.22 27.95
CA PRO A 93 -33.28 15.79 29.29
C PRO A 93 -32.15 15.97 30.32
N ARG A 94 -30.89 15.80 29.91
CA ARG A 94 -29.78 15.94 30.88
C ARG A 94 -29.60 17.42 31.24
N ASN A 95 -29.75 18.32 30.26
CA ASN A 95 -29.64 19.74 30.51
C ASN A 95 -30.79 20.20 31.43
N THR A 96 -32.00 19.67 31.19
CA THR A 96 -33.15 19.96 32.00
C THR A 96 -32.85 19.57 33.45
N GLY A 97 -32.28 18.38 33.66
CA GLY A 97 -31.92 17.88 34.98
C GLY A 97 -30.89 18.77 35.66
N LEU A 98 -29.92 19.24 34.88
CA LEU A 98 -28.89 20.17 35.38
C LEU A 98 -29.52 21.48 35.91
N LYS A 99 -30.48 22.04 35.17
CA LYS A 99 -31.14 23.29 35.59
C LYS A 99 -31.99 23.07 36.86
N MET A 100 -32.47 21.85 37.07
CA MET A 100 -33.31 21.54 38.21
C MET A 100 -32.49 21.24 39.47
N SER A 101 -31.20 20.87 39.32
CA SER A 101 -30.39 20.48 40.45
C SER A 101 -29.73 21.70 41.11
N LYS A 102 -29.69 21.70 42.44
CA LYS A 102 -28.94 22.70 43.23
C LYS A 102 -28.01 21.97 44.21
N ALA A 103 -27.63 20.73 43.87
CA ALA A 103 -26.83 19.92 44.78
C ALA A 103 -25.34 20.24 44.58
N GLU A 104 -24.52 19.75 45.51
CA GLU A 104 -23.07 19.91 45.47
C GLU A 104 -22.50 19.18 44.23
N TYR A 105 -23.04 17.99 43.98
CA TYR A 105 -22.58 17.12 42.89
C TYR A 105 -23.79 16.58 42.13
N VAL A 106 -23.58 16.23 40.85
CA VAL A 106 -24.58 15.55 40.07
C VAL A 106 -23.96 14.22 39.61
N PHE A 107 -24.83 13.23 39.40
CA PHE A 107 -24.47 11.93 38.95
C PHE A 107 -25.48 11.50 37.88
N PHE A 108 -24.98 11.23 36.67
CA PHE A 108 -25.83 10.87 35.53
C PHE A 108 -26.00 9.34 35.54
N LEU A 109 -27.26 8.88 35.61
CA LEU A 109 -27.65 7.50 35.58
C LEU A 109 -28.47 7.26 34.30
N ASP A 110 -28.06 6.27 33.50
CA ASP A 110 -28.88 5.79 32.35
C ASP A 110 -29.97 4.84 32.87
N SER A 111 -31.17 4.98 32.30
CA SER A 111 -32.37 4.38 32.82
C SER A 111 -32.34 2.84 32.78
N ASP A 112 -31.52 2.19 31.97
CA ASP A 112 -31.49 0.69 32.08
C ASP A 112 -30.65 0.21 33.30
N ASP A 113 -29.81 1.09 33.85
CA ASP A 113 -28.64 0.68 34.65
C ASP A 113 -28.98 0.63 36.15
N LEU A 114 -28.00 0.23 36.97
CA LEU A 114 -28.21 0.01 38.37
C LEU A 114 -27.08 0.68 39.15
N LEU A 115 -27.40 1.27 40.31
CA LEU A 115 -26.40 1.65 41.26
C LEU A 115 -26.27 0.58 42.35
N HIS A 116 -25.02 0.24 42.69
CA HIS A 116 -24.70 -0.47 43.91
C HIS A 116 -25.25 0.34 45.09
N GLU A 117 -25.65 -0.32 46.18
CA GLU A 117 -26.24 0.39 47.34
C GLU A 117 -25.24 1.37 47.98
N ARG A 118 -23.93 1.14 47.82
CA ARG A 118 -22.90 1.99 48.46
C ARG A 118 -22.43 3.14 47.57
N ALA A 119 -22.98 3.26 46.35
CA ALA A 119 -22.40 4.12 45.33
C ALA A 119 -22.38 5.59 45.74
N LEU A 120 -23.53 6.20 46.08
CA LEU A 120 -23.53 7.63 46.30
C LEU A 120 -22.67 7.98 47.52
N GLU A 121 -22.83 7.21 48.60
CA GLU A 121 -22.11 7.48 49.86
C GLU A 121 -20.60 7.35 49.65
N ASP A 122 -20.16 6.24 49.05
CA ASP A 122 -18.72 5.97 48.89
C ASP A 122 -18.06 7.00 47.94
N LEU A 123 -18.73 7.31 46.81
CA LEU A 123 -18.14 8.23 45.86
C LEU A 123 -18.10 9.65 46.43
N TYR A 124 -19.20 10.11 47.05
CA TYR A 124 -19.26 11.44 47.65
C TYR A 124 -18.16 11.60 48.71
N ASN A 125 -18.04 10.61 49.59
CA ASN A 125 -17.12 10.65 50.72
C ASN A 125 -15.68 10.73 50.20
N TYR A 126 -15.36 9.88 49.22
CA TYR A 126 -14.03 9.87 48.57
C TYR A 126 -13.73 11.22 47.91
N GLY A 127 -14.74 11.77 47.22
CA GLY A 127 -14.66 13.11 46.64
C GLY A 127 -14.43 14.20 47.69
N LYS A 128 -15.21 14.14 48.77
CA LYS A 128 -15.09 15.12 49.87
C LYS A 128 -13.67 15.06 50.47
N GLU A 129 -13.24 13.86 50.85
CA GLU A 129 -11.89 13.64 51.37
C GLU A 129 -10.83 14.25 50.45
N ASN A 130 -10.96 14.12 49.11
CA ASN A 130 -9.86 14.40 48.20
C ASN A 130 -10.11 15.68 47.39
N ASN A 131 -11.07 16.48 47.86
CA ASN A 131 -11.47 17.72 47.24
C ASN A 131 -11.73 17.56 45.73
N SER A 132 -12.47 16.51 45.36
CA SER A 132 -12.55 16.08 43.95
C SER A 132 -13.61 16.90 43.19
N ASP A 133 -13.26 17.29 41.96
CA ASP A 133 -14.19 17.85 41.00
C ASP A 133 -14.95 16.74 40.28
N LEU A 134 -14.36 15.54 40.18
CA LEU A 134 -14.93 14.40 39.45
C LEU A 134 -14.56 13.11 40.18
N ILE A 135 -15.54 12.24 40.43
CA ILE A 135 -15.32 10.91 41.01
C ILE A 135 -15.89 9.86 40.06
N ILE A 136 -15.03 8.94 39.66
CA ILE A 136 -15.37 7.86 38.80
C ILE A 136 -15.42 6.59 39.64
N GLY A 137 -16.60 5.97 39.62
CA GLY A 137 -16.83 4.67 40.26
C GLY A 137 -16.63 3.53 39.25
N LYS A 138 -16.11 2.41 39.74
CA LYS A 138 -15.87 1.25 38.88
C LYS A 138 -17.20 0.74 38.31
N TYR A 139 -17.17 0.36 37.03
CA TYR A 139 -18.34 -0.15 36.33
C TYR A 139 -18.35 -1.67 36.36
N GLY A 140 -19.54 -2.22 36.56
CA GLY A 140 -19.86 -3.62 36.32
C GLY A 140 -20.85 -3.77 35.18
N VAL A 141 -21.26 -5.02 34.93
CA VAL A 141 -22.11 -5.37 33.79
C VAL A 141 -23.07 -6.50 34.19
N GLU A 142 -24.30 -6.39 33.65
CA GLU A 142 -25.27 -7.46 33.56
C GLU A 142 -25.55 -7.70 32.08
N GLY A 143 -25.42 -8.98 31.68
CA GLY A 143 -25.54 -9.43 30.30
C GLY A 143 -24.22 -9.99 29.77
N LYS A 144 -24.13 -10.08 28.44
CA LYS A 144 -22.92 -10.55 27.73
C LYS A 144 -21.99 -9.37 27.43
N VAL A 148 -17.50 -1.57 28.85
CA VAL A 148 -17.13 -0.59 29.87
C VAL A 148 -15.60 -0.55 30.00
N PRO A 149 -15.00 0.64 30.26
CA PRO A 149 -13.56 0.74 30.47
C PRO A 149 -13.05 -0.12 31.65
N LYS A 150 -11.77 -0.47 31.57
CA LYS A 150 -11.10 -1.32 32.52
C LYS A 150 -9.75 -0.70 32.97
N ALA A 151 -8.97 -0.09 32.06
CA ALA A 151 -7.59 0.36 32.39
C ALA A 151 -7.61 1.42 33.51
N ILE A 152 -8.60 2.33 33.45
CA ILE A 152 -8.79 3.35 34.48
C ILE A 152 -8.88 2.77 35.90
N PHE A 153 -9.25 1.50 36.06
CA PHE A 153 -9.52 0.88 37.36
C PHE A 153 -8.43 -0.11 37.79
N GLU A 154 -7.42 -0.26 36.94
CA GLU A 154 -6.38 -1.32 37.06
C GLU A 154 -5.44 -1.05 38.26
N LYS A 155 -5.35 0.20 38.70
CA LYS A 155 -4.47 0.59 39.82
C LYS A 155 -5.23 0.76 41.15
N GLY A 156 -6.49 0.33 41.21
CA GLY A 156 -7.32 0.47 42.38
C GLY A 156 -7.72 1.92 42.58
N ASN A 157 -7.89 2.33 43.84
CA ASN A 157 -8.25 3.70 44.15
C ASN A 157 -7.10 4.67 43.82
N VAL A 158 -7.48 5.79 43.21
CA VAL A 158 -6.58 6.90 42.91
C VAL A 158 -7.24 8.22 43.39
N ALA A 159 -6.59 8.87 44.36
CA ALA A 159 -7.10 10.06 45.05
C ALA A 159 -7.03 11.30 44.14
N LYS A 160 -5.95 11.39 43.38
CA LYS A 160 -5.65 12.52 42.48
C LYS A 160 -5.11 11.96 41.15
N ALA A 161 -6.03 11.57 40.28
CA ALA A 161 -5.68 10.88 39.06
C ALA A 161 -5.20 11.90 38.02
N ASP A 162 -4.59 11.37 36.95
CA ASP A 162 -4.04 12.08 35.80
C ASP A 162 -4.76 11.55 34.55
N ILE A 163 -5.05 12.43 33.59
CA ILE A 163 -5.82 12.03 32.42
C ILE A 163 -5.07 10.93 31.67
N ILE A 164 -3.76 11.09 31.48
CA ILE A 164 -3.02 10.19 30.64
C ILE A 164 -2.63 8.90 31.38
N ASP A 165 -2.03 9.04 32.56
CA ASP A 165 -1.57 7.88 33.33
C ASP A 165 -2.70 6.94 33.77
N ASN A 166 -3.94 7.44 33.93
CA ASN A 166 -5.05 6.62 34.43
C ASN A 166 -6.11 6.41 33.34
N SER A 167 -5.73 6.63 32.07
CA SER A 167 -6.48 6.23 30.85
C SER A 167 -7.90 6.80 30.83
N ILE A 168 -8.01 8.06 31.28
CA ILE A 168 -9.31 8.67 31.43
C ILE A 168 -9.95 8.92 30.06
N PHE A 169 -9.13 9.18 29.03
CA PHE A 169 -9.67 9.37 27.66
C PHE A 169 -10.40 8.12 27.14
N TYR A 170 -10.17 6.96 27.77
CA TYR A 170 -10.81 5.68 27.43
C TYR A 170 -12.06 5.41 28.31
N ALA A 171 -12.44 6.36 29.16
CA ALA A 171 -13.63 6.23 30.00
C ALA A 171 -14.35 7.58 30.09
N LEU A 172 -14.80 8.11 28.92
CA LEU A 172 -15.35 9.46 28.88
C LEU A 172 -16.90 9.51 28.99
N SER A 173 -17.56 8.42 29.37
CA SER A 173 -19.04 8.49 29.63
C SER A 173 -19.30 9.50 30.76
N VAL A 174 -20.53 10.01 30.83
CA VAL A 174 -20.89 10.91 31.96
C VAL A 174 -21.45 10.10 33.12
N LEU A 175 -21.22 8.78 33.17
CA LEU A 175 -21.76 7.93 34.23
C LEU A 175 -20.82 8.02 35.45
N LYS A 176 -20.77 9.24 36.00
CA LYS A 176 -19.76 9.71 36.94
C LYS A 176 -20.37 10.81 37.83
N MET A 177 -19.63 11.15 38.90
CA MET A 177 -20.08 12.17 39.87
C MET A 177 -19.32 13.47 39.61
N PHE A 178 -20.04 14.50 39.15
CA PHE A 178 -19.48 15.77 38.73
C PHE A 178 -19.84 16.86 39.73
N LYS A 179 -18.85 17.68 40.13
CA LYS A 179 -19.05 18.85 41.00
C LYS A 179 -19.79 19.97 40.22
N LYS A 180 -20.94 20.34 40.75
CA LYS A 180 -21.92 21.17 40.07
C LYS A 180 -21.38 22.60 39.88
N SER A 181 -20.57 23.10 40.82
CA SER A 181 -20.04 24.47 40.72
C SER A 181 -19.18 24.66 39.46
N VAL A 182 -18.47 23.60 39.06
CA VAL A 182 -17.64 23.62 37.86
C VAL A 182 -18.53 23.75 36.62
N ILE A 183 -19.63 22.99 36.60
CA ILE A 183 -20.61 23.03 35.50
C ILE A 183 -21.22 24.45 35.42
N ASP A 184 -21.66 24.99 36.56
CA ASP A 184 -22.30 26.29 36.64
C ASP A 184 -21.33 27.42 36.22
N LYS A 185 -20.14 27.47 36.83
CA LYS A 185 -19.21 28.57 36.58
C LYS A 185 -18.81 28.65 35.09
N ASN A 186 -18.70 27.49 34.42
CA ASN A 186 -18.18 27.39 33.05
C ASN A 186 -19.32 27.18 32.05
N LYS A 187 -20.56 27.15 32.53
CA LYS A 187 -21.75 27.02 31.71
C LYS A 187 -21.58 25.81 30.78
N ILE A 188 -21.21 24.67 31.36
CA ILE A 188 -21.07 23.45 30.63
C ILE A 188 -22.46 22.82 30.44
N LYS A 189 -22.79 22.52 29.19
CA LYS A 189 -24.08 21.96 28.82
C LYS A 189 -23.83 20.90 27.76
N PHE A 190 -24.78 19.97 27.63
CA PHE A 190 -24.76 18.97 26.58
C PHE A 190 -25.17 19.71 25.29
N LYS A 191 -24.34 19.55 24.24
CA LYS A 191 -24.61 20.15 22.94
C LYS A 191 -25.62 19.25 22.20
N THR A 192 -26.37 19.84 21.28
CA THR A 192 -27.46 19.13 20.61
C THR A 192 -27.17 19.00 19.10
N PHE A 193 -26.17 19.74 18.58
CA PHE A 193 -25.84 19.78 17.13
C PHE A 193 -25.60 18.37 16.56
N SER A 194 -25.04 17.45 17.37
CA SER A 194 -24.84 16.04 16.98
C SER A 194 -25.66 15.09 17.89
N LYS A 195 -26.00 13.92 17.33
CA LYS A 195 -26.77 12.88 18.00
C LYS A 195 -25.83 11.97 18.80
N THR A 196 -24.53 12.06 18.52
CA THR A 196 -23.53 11.17 19.13
C THR A 196 -22.29 11.97 19.58
N ALA A 197 -21.51 11.35 20.49
CA ALA A 197 -20.24 11.86 21.14
C ALA A 197 -20.43 13.10 22.03
N GLU A 198 -21.67 13.53 22.28
CA GLU A 198 -21.92 14.74 23.10
C GLU A 198 -21.54 14.49 24.57
N ASP A 199 -21.62 13.24 25.03
CA ASP A 199 -21.27 12.91 26.39
C ASP A 199 -19.76 13.09 26.57
N GLN A 200 -18.99 12.49 25.64
CA GLN A 200 -17.58 12.61 25.58
C GLN A 200 -17.15 14.08 25.67
N LEU A 201 -17.79 14.92 24.85
CA LEU A 201 -17.46 16.33 24.83
C LEU A 201 -17.75 16.95 26.23
N PHE A 202 -18.90 16.60 26.82
CA PHE A 202 -19.23 17.12 28.17
C PHE A 202 -18.09 16.77 29.12
N THR A 203 -17.66 15.50 29.12
CA THR A 203 -16.67 15.06 30.06
C THR A 203 -15.33 15.75 29.79
N ILE A 204 -14.98 15.90 28.50
CA ILE A 204 -13.76 16.58 28.12
C ILE A 204 -13.77 18.05 28.60
N GLU A 205 -14.86 18.76 28.32
CA GLU A 205 -15.00 20.17 28.74
C GLU A 205 -14.87 20.28 30.28
N PHE A 206 -15.49 19.34 30.99
CA PHE A 206 -15.37 19.23 32.44
C PHE A 206 -13.89 19.01 32.84
N LEU A 207 -13.19 18.05 32.23
CA LEU A 207 -11.79 17.73 32.61
C LEU A 207 -10.86 18.92 32.36
N MET A 208 -11.11 19.63 31.26
CA MET A 208 -10.28 20.73 30.85
C MET A 208 -10.54 21.97 31.71
N ASN A 209 -11.61 21.98 32.53
CA ASN A 209 -11.93 23.15 33.33
C ASN A 209 -11.94 22.79 34.82
N SER A 210 -11.35 21.65 35.19
CA SER A 210 -11.25 21.22 36.59
C SER A 210 -9.90 20.53 36.84
N LYS A 211 -9.55 20.33 38.10
CA LYS A 211 -8.17 19.96 38.50
C LYS A 211 -8.08 18.55 39.10
N ASN A 212 -9.08 18.20 39.91
CA ASN A 212 -8.98 17.09 40.86
C ASN A 212 -9.96 15.98 40.46
N TYR A 213 -9.41 14.84 40.05
CA TYR A 213 -10.21 13.70 39.66
C TYR A 213 -9.81 12.51 40.54
N SER A 214 -10.77 11.70 40.95
CA SER A 214 -10.58 10.55 41.82
C SER A 214 -11.27 9.34 41.19
N ILE A 215 -10.73 8.16 41.50
CA ILE A 215 -11.16 6.90 40.98
C ILE A 215 -11.36 5.97 42.18
N LYS A 216 -12.56 5.39 42.27
CA LYS A 216 -12.94 4.58 43.39
C LYS A 216 -13.45 3.21 42.90
N THR A 217 -12.93 2.13 43.52
CA THR A 217 -12.93 0.78 42.92
C THR A 217 -13.31 -0.35 43.90
N ASP A 218 -13.66 -0.05 45.15
CA ASP A 218 -13.87 -1.09 46.20
C ASP A 218 -14.98 -2.09 45.85
N TYR A 219 -15.98 -1.60 45.11
CA TYR A 219 -17.09 -2.39 44.59
C TYR A 219 -17.31 -1.99 43.15
N GLU A 220 -18.14 -2.77 42.44
CA GLU A 220 -18.66 -2.35 41.15
C GLU A 220 -19.87 -1.45 41.41
N TYR A 221 -19.64 -0.15 41.36
CA TYR A 221 -20.57 0.82 41.93
C TYR A 221 -21.73 1.11 40.95
N TYR A 222 -21.43 1.02 39.66
CA TYR A 222 -22.36 1.33 38.61
C TYR A 222 -22.43 0.10 37.69
N ILE A 223 -23.63 -0.46 37.55
CA ILE A 223 -23.80 -1.67 36.72
C ILE A 223 -24.57 -1.32 35.44
N VAL A 224 -23.89 -1.51 34.32
CA VAL A 224 -24.47 -1.34 32.99
C VAL A 224 -25.25 -2.61 32.64
N VAL A 225 -26.55 -2.44 32.33
CA VAL A 225 -27.42 -3.54 31.95
C VAL A 225 -27.58 -3.50 30.42
N ASN A 226 -27.01 -4.50 29.74
CA ASN A 226 -27.04 -4.55 28.25
C ASN A 226 -28.28 -5.33 27.77
N SER A 239 -24.79 8.08 9.29
CA SER A 239 -24.26 9.42 9.48
C SER A 239 -23.16 9.72 8.45
N THR A 240 -23.13 10.97 7.95
CA THR A 240 -22.11 11.45 7.00
C THR A 240 -20.83 11.84 7.78
N GLY A 241 -21.01 12.16 9.08
CA GLY A 241 -19.95 12.52 9.99
C GLY A 241 -19.86 14.02 10.21
N ASN A 242 -20.69 14.82 9.53
CA ASN A 242 -20.68 16.27 9.67
C ASN A 242 -20.91 16.63 11.15
N GLN A 243 -21.93 16.02 11.77
CA GLN A 243 -22.24 16.29 13.20
C GLN A 243 -21.16 15.68 14.11
N TYR A 244 -20.77 14.44 13.82
CA TYR A 244 -19.85 13.70 14.73
C TYR A 244 -18.50 14.42 14.78
N PHE A 245 -17.96 14.81 13.61
CA PHE A 245 -16.66 15.48 13.53
C PHE A 245 -16.75 16.94 14.02
N ALA A 246 -17.92 17.58 13.93
CA ALA A 246 -18.12 18.89 14.59
C ALA A 246 -17.87 18.76 16.12
N THR A 247 -18.32 17.64 16.67
CA THR A 247 -18.19 17.34 18.09
C THR A 247 -16.74 17.01 18.43
N ILE A 248 -16.06 16.24 17.57
CA ILE A 248 -14.64 15.92 17.80
C ILE A 248 -13.83 17.22 17.71
N ASN A 249 -14.19 18.09 16.78
CA ASN A 249 -13.52 19.35 16.64
C ASN A 249 -13.59 20.12 17.97
N GLU A 250 -14.75 20.07 18.63
CA GLU A 250 -14.97 20.74 19.92
C GLU A 250 -14.08 20.13 21.01
N ILE A 251 -13.85 18.81 20.97
CA ILE A 251 -12.97 18.17 21.95
C ILE A 251 -11.55 18.78 21.85
N TYR A 252 -11.00 18.90 20.62
CA TYR A 252 -9.67 19.42 20.46
C TYR A 252 -9.63 20.89 20.90
N LYS A 253 -10.65 21.67 20.53
CA LYS A 253 -10.77 23.05 20.95
C LYS A 253 -10.74 23.17 22.48
N ALA A 254 -11.44 22.28 23.17
CA ALA A 254 -11.55 22.32 24.64
C ALA A 254 -10.15 22.13 25.25
N ILE A 255 -9.34 21.25 24.65
CA ILE A 255 -7.98 20.95 25.11
C ILE A 255 -7.08 22.17 24.90
N TYR A 256 -7.08 22.72 23.70
CA TYR A 256 -6.15 23.77 23.33
C TYR A 256 -6.50 25.11 24.02
N LYS A 257 -7.73 25.25 24.54
CA LYS A 257 -8.14 26.46 25.26
C LYS A 257 -8.27 26.22 26.76
N SER A 258 -7.75 25.10 27.27
CA SER A 258 -7.84 24.76 28.67
C SER A 258 -7.20 25.84 29.54
N PRO A 259 -7.94 26.42 30.52
CA PRO A 259 -7.32 27.30 31.52
C PRO A 259 -6.65 26.52 32.66
N ILE A 260 -6.84 25.19 32.71
CA ILE A 260 -6.16 24.30 33.66
C ILE A 260 -4.79 23.86 33.09
N TYR A 261 -4.80 23.30 31.87
CA TYR A 261 -3.58 22.86 31.17
C TYR A 261 -3.19 23.96 30.18
N LYS A 262 -2.37 24.90 30.65
CA LYS A 262 -2.12 26.13 29.92
C LYS A 262 -0.84 26.03 29.09
N ASN A 263 0.05 25.10 29.45
CA ASN A 263 1.32 24.89 28.71
C ASN A 263 1.03 24.34 27.31
N GLN A 264 1.60 24.93 26.26
CA GLN A 264 1.29 24.49 24.88
C GLN A 264 1.78 23.06 24.63
N GLU A 265 2.94 22.66 25.18
CA GLU A 265 3.42 21.31 24.95
C GLU A 265 2.49 20.29 25.63
N LYS A 266 1.92 20.66 26.79
CA LYS A 266 0.97 19.80 27.49
C LYS A 266 -0.33 19.67 26.66
N ARG A 267 -0.73 20.75 25.99
CA ARG A 267 -1.88 20.68 25.13
C ARG A 267 -1.59 19.75 23.93
N HIS A 268 -0.40 19.84 23.35
CA HIS A 268 -0.03 18.95 22.25
C HIS A 268 -0.10 17.50 22.75
N GLN A 269 0.39 17.26 23.97
CA GLN A 269 0.44 15.92 24.49
C GLN A 269 -0.99 15.39 24.67
N LEU A 270 -1.87 16.18 25.31
CA LEU A 270 -3.24 15.72 25.51
C LEU A 270 -3.90 15.43 24.14
N ALA A 271 -3.73 16.35 23.19
CA ALA A 271 -4.34 16.25 21.90
C ALA A 271 -3.87 14.98 21.18
N GLY A 272 -2.57 14.69 21.28
CA GLY A 272 -1.98 13.52 20.68
C GLY A 272 -2.50 12.25 21.30
N LYS A 273 -2.67 12.25 22.62
CA LYS A 273 -3.20 11.06 23.32
C LYS A 273 -4.68 10.87 22.99
N TYR A 274 -5.41 11.98 22.82
CA TYR A 274 -6.83 11.86 22.43
C TYR A 274 -6.92 11.28 21.00
N THR A 275 -6.09 11.80 20.05
CA THR A 275 -5.98 11.19 18.69
C THR A 275 -5.77 9.67 18.77
N THR A 276 -4.84 9.26 19.62
CA THR A 276 -4.58 7.82 19.78
C THR A 276 -5.87 7.11 20.18
N ARG A 277 -6.59 7.67 21.17
CA ARG A 277 -7.83 7.05 21.64
C ARG A 277 -8.85 7.01 20.50
N LEU A 278 -8.97 8.10 19.74
CA LEU A 278 -9.91 8.20 18.62
C LEU A 278 -9.63 7.12 17.55
N LEU A 279 -8.36 6.84 17.27
CA LEU A 279 -8.00 5.83 16.27
C LEU A 279 -8.27 4.42 16.82
N ARG A 280 -8.12 4.23 18.14
CA ARG A 280 -8.30 2.87 18.70
C ARG A 280 -9.78 2.56 18.92
N HIS A 281 -10.61 3.56 19.29
CA HIS A 281 -12.01 3.32 19.77
C HIS A 281 -13.05 4.28 19.14
N GLY A 282 -12.64 5.09 18.17
CA GLY A 282 -13.58 6.03 17.54
C GLY A 282 -14.71 5.30 16.85
N GLN A 283 -15.82 6.02 16.64
CA GLN A 283 -16.93 5.53 15.86
C GLN A 283 -16.47 5.23 14.43
N LYS A 284 -16.87 4.06 13.92
CA LYS A 284 -16.62 3.59 12.55
C LYS A 284 -15.12 3.62 12.28
N LYS A 285 -14.33 3.16 13.25
CA LYS A 285 -12.89 3.30 13.15
C LYS A 285 -12.36 2.53 11.92
N ASN A 286 -13.04 1.41 11.58
CA ASN A 286 -12.67 0.56 10.44
C ASN A 286 -13.60 0.81 9.24
N PHE A 287 -14.00 2.06 9.04
CA PHE A 287 -14.90 2.41 7.90
C PHE A 287 -14.26 2.08 6.55
N ALA A 288 -12.93 2.23 6.44
CA ALA A 288 -12.24 2.25 5.13
C ALA A 288 -12.47 0.95 4.35
N ASN A 289 -12.37 -0.21 5.02
CA ASN A 289 -12.51 -1.50 4.35
C ASN A 289 -13.94 -2.06 4.57
N SER A 290 -14.87 -1.26 5.10
CA SER A 290 -16.23 -1.73 5.45
C SER A 290 -17.11 -1.84 4.20
N LYS A 291 -18.36 -2.25 4.43
CA LYS A 291 -19.34 -2.40 3.39
C LYS A 291 -20.06 -1.06 3.13
N MET A 292 -19.62 0.03 3.78
CA MET A 292 -20.14 1.40 3.51
C MET A 292 -20.05 1.71 2.01
N LYS A 293 -21.07 2.39 1.47
CA LYS A 293 -21.08 2.95 0.12
C LYS A 293 -19.89 3.92 -0.07
N TYR A 294 -19.36 3.98 -1.30
CA TYR A 294 -18.12 4.71 -1.60
C TYR A 294 -18.28 6.19 -1.22
N GLU A 295 -19.35 6.82 -1.71
CA GLU A 295 -19.57 8.24 -1.50
C GLU A 295 -19.66 8.53 0.01
N ASP A 296 -20.18 7.57 0.79
CA ASP A 296 -20.27 7.76 2.27
C ASP A 296 -18.86 7.73 2.88
N LYS A 297 -18.02 6.79 2.43
CA LYS A 297 -16.64 6.68 2.93
C LYS A 297 -15.87 7.98 2.64
N ILE A 298 -16.05 8.53 1.45
CA ILE A 298 -15.39 9.77 1.02
C ILE A 298 -15.83 10.92 1.93
N GLU A 299 -17.14 11.01 2.22
CA GLU A 299 -17.69 12.13 3.00
C GLU A 299 -17.24 12.00 4.45
N TRP A 300 -17.22 10.78 4.98
CA TRP A 300 -16.73 10.50 6.29
C TRP A 300 -15.26 10.92 6.47
N LEU A 301 -14.39 10.44 5.56
CA LEU A 301 -12.99 10.76 5.58
C LEU A 301 -12.79 12.26 5.37
N ASN A 302 -13.56 12.90 4.48
CA ASN A 302 -13.42 14.34 4.26
C ASN A 302 -13.62 15.10 5.60
N ASN A 303 -14.66 14.70 6.34
CA ASN A 303 -14.98 15.28 7.66
C ASN A 303 -13.84 14.98 8.65
N PHE A 304 -13.37 13.72 8.70
CA PHE A 304 -12.29 13.31 9.62
C PHE A 304 -11.02 14.09 9.29
N SER A 305 -10.71 14.24 7.99
CA SER A 305 -9.53 14.96 7.51
C SER A 305 -9.57 16.46 7.88
N LYS A 306 -10.68 17.13 7.59
CA LYS A 306 -10.82 18.56 7.89
C LYS A 306 -10.67 18.81 9.40
N THR A 307 -11.17 17.89 10.23
CA THR A 307 -11.11 18.04 11.67
C THR A 307 -9.66 17.87 12.15
N ILE A 308 -8.99 16.83 11.68
CA ILE A 308 -7.65 16.51 12.17
C ILE A 308 -6.66 17.57 11.66
N ASN A 309 -6.94 18.18 10.49
CA ASN A 309 -6.03 19.20 9.93
C ASN A 309 -6.15 20.55 10.66
N LYS A 310 -7.09 20.69 11.59
CA LYS A 310 -7.12 21.85 12.50
C LYS A 310 -6.31 21.57 13.78
N VAL A 311 -5.78 20.34 13.95
CA VAL A 311 -5.01 19.94 15.11
C VAL A 311 -3.54 20.05 14.73
N PRO A 312 -2.75 20.84 15.48
CA PRO A 312 -1.33 21.04 15.18
C PRO A 312 -0.58 19.70 15.00
N ARG A 313 0.32 19.66 14.00
CA ARG A 313 1.13 18.46 13.75
C ARG A 313 2.06 18.19 14.93
N ASP A 314 2.31 19.19 15.79
CA ASP A 314 3.11 19.00 17.02
C ASP A 314 2.50 17.93 17.93
N SER A 315 1.18 17.69 17.82
CA SER A 315 0.54 16.65 18.67
C SER A 315 0.87 15.25 18.17
N ASP A 316 1.23 15.13 16.88
CA ASP A 316 1.40 13.84 16.22
C ASP A 316 2.52 13.01 16.86
N LYS A 317 3.55 13.63 17.42
CA LYS A 317 4.62 12.82 17.97
C LYS A 317 4.17 12.04 19.21
N TYR A 318 3.03 12.39 19.81
CA TYR A 318 2.48 11.75 21.03
C TYR A 318 1.54 10.61 20.68
N VAL A 319 1.23 10.45 19.38
CA VAL A 319 0.41 9.34 18.92
C VAL A 319 1.28 8.09 18.83
N THR A 320 0.75 6.96 19.29
CA THR A 320 1.44 5.65 19.26
C THR A 320 1.91 5.35 17.82
N GLN A 321 3.14 4.87 17.70
CA GLN A 321 3.90 4.78 16.42
C GLN A 321 3.14 3.92 15.38
N ILE A 322 2.48 2.83 15.81
CA ILE A 322 1.81 1.92 14.85
C ILE A 322 0.75 2.64 14.01
N PHE A 323 0.25 3.79 14.50
CA PHE A 323 -0.79 4.52 13.86
C PHE A 323 -0.25 5.64 12.98
N ASN A 324 1.08 5.70 12.75
CA ASN A 324 1.72 6.80 12.02
C ASN A 324 1.11 6.94 10.61
N LEU A 325 1.02 5.82 9.90
CA LEU A 325 0.55 5.83 8.53
C LEU A 325 -0.95 6.15 8.50
N LYS A 326 -1.75 5.52 9.36
CA LYS A 326 -3.19 5.81 9.34
C LYS A 326 -3.50 7.30 9.57
N LEU A 327 -2.83 7.92 10.53
CA LEU A 327 -3.02 9.32 10.85
C LEU A 327 -2.61 10.19 9.67
N GLU A 328 -1.47 9.87 9.03
CA GLU A 328 -1.00 10.68 7.92
C GLU A 328 -1.98 10.52 6.75
N ALA A 329 -2.45 9.28 6.52
CA ALA A 329 -3.47 9.01 5.49
C ALA A 329 -4.69 9.90 5.67
N ILE A 330 -5.15 10.00 6.93
CA ILE A 330 -6.29 10.82 7.26
C ILE A 330 -5.96 12.31 7.00
N ARG A 331 -4.80 12.78 7.46
CA ARG A 331 -4.37 14.16 7.17
C ARG A 331 -4.38 14.43 5.65
N GLN A 332 -3.93 13.47 4.84
CA GLN A 332 -3.83 13.64 3.38
C GLN A 332 -5.19 13.40 2.70
N ASN A 333 -6.19 12.91 3.45
CA ASN A 333 -7.55 12.71 2.92
C ASN A 333 -7.49 11.69 1.78
N ASP A 334 -6.78 10.58 2.04
CA ASP A 334 -6.41 9.59 1.01
C ASP A 334 -7.03 8.24 1.38
N LEU A 335 -8.16 7.91 0.76
CA LEU A 335 -8.93 6.75 1.18
C LEU A 335 -8.16 5.43 0.97
N LEU A 336 -7.47 5.29 -0.17
CA LEU A 336 -6.68 4.08 -0.42
C LEU A 336 -5.65 3.87 0.69
N ALA A 337 -4.99 4.95 1.09
CA ALA A 337 -3.94 4.86 2.11
C ALA A 337 -4.56 4.46 3.46
N VAL A 338 -5.80 4.93 3.73
CA VAL A 338 -6.46 4.50 4.97
C VAL A 338 -6.77 3.00 4.91
N MET A 339 -7.30 2.54 3.76
CA MET A 339 -7.60 1.13 3.52
C MET A 339 -6.37 0.26 3.77
N ILE A 340 -5.23 0.68 3.21
CA ILE A 340 -3.97 -0.04 3.31
C ILE A 340 -3.49 -0.03 4.76
N ALA A 341 -3.59 1.14 5.41
CA ALA A 341 -3.17 1.27 6.80
C ALA A 341 -3.94 0.29 7.69
N ASP A 342 -5.24 0.11 7.44
CA ASP A 342 -6.06 -0.82 8.23
C ASP A 342 -5.66 -2.27 7.96
N LYS A 343 -5.36 -2.60 6.70
CA LYS A 343 -4.87 -3.94 6.35
C LYS A 343 -3.56 -4.26 7.08
N LEU A 344 -2.67 -3.27 7.31
CA LEU A 344 -1.37 -3.52 7.96
C LEU A 344 -1.47 -3.48 9.49
N LEU A 345 -2.52 -2.84 10.03
CA LEU A 345 -2.76 -2.86 11.48
C LEU A 345 -3.36 -4.21 11.88
N MET B 19 -33.45 -28.33 -43.70
CA MET B 19 -32.77 -27.64 -42.55
C MET B 19 -32.04 -28.70 -41.71
N LYS B 20 -30.71 -28.59 -41.68
CA LYS B 20 -29.85 -29.44 -40.88
C LYS B 20 -30.12 -29.21 -39.39
N LYS B 21 -29.90 -30.24 -38.58
CA LYS B 21 -29.90 -30.11 -37.14
C LYS B 21 -28.71 -29.23 -36.68
N VAL B 22 -27.51 -29.50 -37.23
CA VAL B 22 -26.26 -28.84 -36.75
C VAL B 22 -25.33 -28.53 -37.91
N SER B 23 -24.78 -27.31 -37.91
CA SER B 23 -23.61 -26.94 -38.70
C SER B 23 -22.40 -26.85 -37.76
N VAL B 24 -21.39 -27.71 -37.99
CA VAL B 24 -20.10 -27.54 -37.36
C VAL B 24 -19.28 -26.59 -38.20
N ILE B 25 -18.76 -25.51 -37.58
CA ILE B 25 -18.00 -24.49 -38.27
C ILE B 25 -16.55 -24.56 -37.78
N MET B 26 -15.61 -24.81 -38.72
CA MET B 26 -14.21 -25.01 -38.35
C MET B 26 -13.31 -24.13 -39.21
N PRO B 27 -12.68 -23.10 -38.61
CA PRO B 27 -11.59 -22.35 -39.26
C PRO B 27 -10.31 -23.19 -39.36
N THR B 28 -9.58 -23.02 -40.45
CA THR B 28 -8.26 -23.67 -40.60
C THR B 28 -7.20 -22.65 -41.03
N PHE B 29 -5.94 -22.97 -40.70
CA PHE B 29 -4.78 -22.25 -41.18
C PHE B 29 -3.54 -23.08 -40.87
N ASN B 30 -2.88 -23.56 -41.93
CA ASN B 30 -1.58 -24.24 -41.89
C ASN B 30 -1.59 -25.38 -40.89
N ASN B 31 -2.70 -26.12 -40.84
CA ASN B 31 -2.86 -27.23 -39.91
C ASN B 31 -2.17 -28.49 -40.45
N GLY B 32 -2.18 -28.64 -41.78
CA GLY B 32 -1.57 -29.78 -42.46
C GLY B 32 -2.24 -31.11 -42.12
N GLU B 33 -1.41 -32.16 -42.07
CA GLU B 33 -1.84 -33.57 -41.95
C GLU B 33 -2.67 -33.81 -40.67
N LYS B 34 -2.38 -33.08 -39.60
CA LYS B 34 -3.09 -33.17 -38.31
C LYS B 34 -4.62 -33.15 -38.52
N LEU B 35 -5.06 -32.32 -39.47
CA LEU B 35 -6.46 -32.00 -39.71
C LEU B 35 -7.30 -33.24 -40.04
N HIS B 36 -6.68 -34.30 -40.61
CA HIS B 36 -7.37 -35.57 -40.89
C HIS B 36 -8.15 -36.02 -39.65
N ARG B 37 -7.47 -36.07 -38.50
CA ARG B 37 -8.04 -36.65 -37.30
C ARG B 37 -9.21 -35.80 -36.77
N THR B 38 -9.12 -34.47 -36.92
CA THR B 38 -10.19 -33.60 -36.53
C THR B 38 -11.41 -33.78 -37.46
N ILE B 39 -11.18 -33.72 -38.77
CA ILE B 39 -12.29 -33.90 -39.75
C ILE B 39 -12.92 -35.26 -39.52
N SER B 40 -12.08 -36.29 -39.33
CA SER B 40 -12.58 -37.67 -39.11
C SER B 40 -13.50 -37.75 -37.88
N SER B 41 -13.17 -37.04 -36.79
CA SER B 41 -13.96 -37.05 -35.59
C SER B 41 -15.34 -36.45 -35.86
N VAL B 42 -15.42 -35.47 -36.78
CA VAL B 42 -16.69 -34.83 -37.11
C VAL B 42 -17.54 -35.76 -38.01
N LEU B 43 -16.90 -36.41 -38.99
CA LEU B 43 -17.58 -37.31 -39.93
C LEU B 43 -18.01 -38.60 -39.21
N ASN B 44 -17.33 -38.99 -38.14
CA ASN B 44 -17.66 -40.19 -37.37
C ASN B 44 -18.59 -39.84 -36.19
N GLN B 45 -19.85 -39.51 -36.47
CA GLN B 45 -20.81 -39.15 -35.41
C GLN B 45 -21.94 -40.18 -35.38
N THR B 46 -22.51 -40.44 -34.20
CA THR B 46 -23.73 -41.25 -34.05
C THR B 46 -24.91 -40.57 -34.75
N MET B 47 -24.92 -39.24 -34.81
CA MET B 47 -25.94 -38.50 -35.59
C MET B 47 -25.86 -38.94 -37.07
N LYS B 48 -27.02 -39.12 -37.68
CA LYS B 48 -27.13 -39.46 -39.09
C LYS B 48 -26.39 -38.41 -39.92
N SER B 49 -25.57 -38.85 -40.89
CA SER B 49 -24.66 -37.96 -41.59
C SER B 49 -25.45 -36.86 -42.31
N THR B 50 -26.67 -37.15 -42.73
CA THR B 50 -27.48 -36.18 -43.50
C THR B 50 -28.12 -35.12 -42.59
N ASP B 51 -28.08 -35.34 -41.27
CA ASP B 51 -28.69 -34.41 -40.33
C ASP B 51 -27.74 -33.25 -39.95
N TYR B 52 -26.46 -33.34 -40.31
CA TYR B 52 -25.50 -32.26 -39.98
C TYR B 52 -24.50 -32.02 -41.11
N GLU B 53 -23.76 -30.93 -41.01
CA GLU B 53 -22.77 -30.56 -42.00
C GLU B 53 -21.52 -29.99 -41.29
N LEU B 54 -20.36 -30.20 -41.88
CA LEU B 54 -19.10 -29.60 -41.46
C LEU B 54 -18.77 -28.52 -42.50
N ILE B 55 -18.68 -27.27 -42.05
CA ILE B 55 -18.27 -26.13 -42.88
C ILE B 55 -16.84 -25.77 -42.50
N ILE B 56 -15.90 -25.97 -43.44
CA ILE B 56 -14.49 -25.65 -43.21
C ILE B 56 -14.20 -24.32 -43.93
N ILE B 57 -13.64 -23.35 -43.19
CA ILE B 57 -13.20 -22.08 -43.76
C ILE B 57 -11.68 -21.95 -43.53
N ASP B 58 -10.93 -21.99 -44.63
CA ASP B 58 -9.51 -21.88 -44.57
C ASP B 58 -9.16 -20.40 -44.71
N ASP B 59 -8.35 -19.93 -43.75
CA ASP B 59 -7.92 -18.55 -43.66
C ASP B 59 -6.68 -18.33 -44.56
N HIS B 60 -6.84 -18.64 -45.85
CA HIS B 60 -5.78 -18.57 -46.88
C HIS B 60 -4.45 -19.13 -46.36
N SER B 61 -4.43 -20.44 -46.12
CA SER B 61 -3.21 -21.18 -45.75
C SER B 61 -2.14 -20.97 -46.82
N ASN B 62 -0.87 -21.09 -46.42
CA ASN B 62 0.24 -20.85 -47.33
C ASN B 62 1.34 -21.87 -47.07
N ASP B 63 0.96 -23.09 -46.69
CA ASP B 63 1.87 -24.19 -46.35
C ASP B 63 2.07 -25.09 -47.59
N ASN B 64 2.09 -24.45 -48.76
CA ASN B 64 2.42 -25.05 -50.06
C ASN B 64 1.36 -26.10 -50.42
N GLY B 65 0.09 -25.71 -50.23
CA GLY B 65 -1.07 -26.52 -50.63
C GLY B 65 -1.42 -27.64 -49.66
N GLU B 66 -0.67 -27.82 -48.56
CA GLU B 66 -0.84 -29.02 -47.73
C GLU B 66 -2.19 -29.02 -46.97
N THR B 67 -2.61 -27.88 -46.39
CA THR B 67 -3.87 -27.91 -45.65
C THR B 67 -5.01 -28.14 -46.65
N LEU B 68 -4.93 -27.45 -47.79
CA LEU B 68 -5.90 -27.58 -48.85
C LEU B 68 -6.00 -29.04 -49.33
N ASN B 69 -4.85 -29.69 -49.51
CA ASN B 69 -4.77 -31.09 -49.95
C ASN B 69 -5.51 -32.01 -48.99
N VAL B 70 -5.38 -31.76 -47.68
CA VAL B 70 -6.06 -32.58 -46.71
C VAL B 70 -7.57 -32.35 -46.85
N ILE B 71 -7.96 -31.07 -46.93
CA ILE B 71 -9.36 -30.71 -47.00
C ILE B 71 -9.99 -31.32 -48.26
N LYS B 72 -9.27 -31.26 -49.38
CA LYS B 72 -9.76 -31.77 -50.66
C LYS B 72 -10.00 -33.29 -50.61
N LYS B 73 -9.33 -34.03 -49.71
CA LYS B 73 -9.58 -35.46 -49.53
C LYS B 73 -11.00 -35.76 -49.03
N TYR B 74 -11.72 -34.74 -48.54
CA TYR B 74 -13.05 -34.90 -47.99
C TYR B 74 -14.09 -34.16 -48.83
N LYS B 75 -13.72 -33.75 -50.03
CA LYS B 75 -14.57 -33.03 -50.93
C LYS B 75 -15.80 -33.92 -51.16
N GLY B 76 -16.96 -33.28 -51.08
CA GLY B 76 -18.22 -33.96 -51.17
C GLY B 76 -18.76 -34.37 -49.82
N LEU B 77 -17.94 -34.31 -48.75
CA LEU B 77 -18.39 -34.69 -47.41
C LEU B 77 -18.45 -33.47 -46.48
N VAL B 78 -17.93 -32.33 -46.93
CA VAL B 78 -17.85 -31.12 -46.19
C VAL B 78 -18.20 -29.98 -47.13
N ARG B 79 -18.62 -28.85 -46.55
CA ARG B 79 -18.66 -27.63 -47.32
C ARG B 79 -17.38 -26.86 -47.02
N PHE B 80 -16.83 -26.21 -48.05
CA PHE B 80 -15.53 -25.61 -47.91
C PHE B 80 -15.51 -24.26 -48.64
N LYS B 81 -14.89 -23.26 -47.99
CA LYS B 81 -14.60 -21.97 -48.59
C LYS B 81 -13.19 -21.53 -48.19
N GLN B 82 -12.39 -21.08 -49.17
CA GLN B 82 -11.06 -20.53 -48.90
C GLN B 82 -11.16 -19.00 -48.99
N LEU B 83 -10.74 -18.32 -47.93
CA LEU B 83 -10.64 -16.88 -47.98
C LEU B 83 -9.44 -16.49 -48.87
N LYS B 84 -9.62 -15.42 -49.66
CA LYS B 84 -8.71 -15.03 -50.73
C LYS B 84 -7.43 -14.38 -50.16
N LYS B 85 -7.51 -13.76 -48.98
CA LYS B 85 -6.33 -13.27 -48.25
C LYS B 85 -6.52 -13.60 -46.77
N ASN B 86 -5.41 -13.86 -46.06
CA ASN B 86 -5.41 -14.23 -44.65
C ASN B 86 -5.90 -13.04 -43.82
N SER B 87 -6.66 -13.32 -42.76
CA SER B 87 -7.13 -12.31 -41.82
C SER B 87 -6.34 -12.36 -40.49
N GLY B 88 -5.80 -13.53 -40.13
CA GLY B 88 -4.87 -13.68 -38.99
C GLY B 88 -5.56 -14.03 -37.66
N ASN B 89 -6.88 -14.25 -37.70
CA ASN B 89 -7.70 -14.49 -36.49
C ASN B 89 -8.87 -15.42 -36.87
N ALA B 90 -9.50 -16.02 -35.87
CA ALA B 90 -10.60 -16.93 -36.08
C ALA B 90 -11.91 -16.17 -36.36
N SER B 91 -11.93 -14.84 -36.20
CA SER B 91 -13.21 -14.09 -36.20
C SER B 91 -13.84 -14.02 -37.60
N VAL B 92 -13.05 -13.68 -38.60
CA VAL B 92 -13.59 -13.48 -39.96
C VAL B 92 -14.05 -14.84 -40.54
N PRO B 93 -13.25 -15.91 -40.44
CA PRO B 93 -13.68 -17.25 -40.89
C PRO B 93 -14.96 -17.75 -40.19
N ARG B 94 -15.01 -17.57 -38.88
CA ARG B 94 -16.15 -17.99 -38.09
C ARG B 94 -17.41 -17.24 -38.57
N ASN B 95 -17.26 -15.94 -38.84
CA ASN B 95 -18.40 -15.16 -39.32
C ASN B 95 -18.82 -15.66 -40.70
N THR B 96 -17.82 -15.99 -41.53
CA THR B 96 -18.04 -16.58 -42.85
C THR B 96 -18.87 -17.85 -42.71
N GLY B 97 -18.43 -18.73 -41.81
CA GLY B 97 -19.14 -19.98 -41.49
C GLY B 97 -20.60 -19.74 -41.12
N LEU B 98 -20.85 -18.76 -40.24
CA LEU B 98 -22.22 -18.42 -39.78
C LEU B 98 -23.13 -18.03 -40.96
N LYS B 99 -22.60 -17.20 -41.88
CA LYS B 99 -23.34 -16.76 -43.07
C LYS B 99 -23.72 -17.96 -43.95
N MET B 100 -22.89 -19.00 -43.97
CA MET B 100 -23.09 -20.17 -44.83
C MET B 100 -24.07 -21.16 -44.21
N SER B 101 -24.21 -21.14 -42.88
CA SER B 101 -25.06 -22.13 -42.20
C SER B 101 -26.55 -21.77 -42.28
N LYS B 102 -27.39 -22.79 -42.48
CA LYS B 102 -28.86 -22.63 -42.48
C LYS B 102 -29.52 -23.57 -41.46
N ALA B 103 -28.73 -24.09 -40.51
CA ALA B 103 -29.11 -25.17 -39.57
C ALA B 103 -29.79 -24.58 -38.31
N GLU B 104 -30.30 -25.47 -37.48
CA GLU B 104 -30.96 -25.12 -36.25
C GLU B 104 -29.94 -24.67 -35.21
N TYR B 105 -28.86 -25.43 -35.09
CA TYR B 105 -27.75 -25.17 -34.16
C TYR B 105 -26.43 -25.06 -34.91
N VAL B 106 -25.48 -24.30 -34.35
CA VAL B 106 -24.14 -24.29 -34.87
C VAL B 106 -23.23 -24.71 -33.73
N PHE B 107 -22.09 -25.31 -34.07
CA PHE B 107 -21.09 -25.74 -33.12
C PHE B 107 -19.74 -25.33 -33.68
N PHE B 108 -18.99 -24.50 -32.93
CA PHE B 108 -17.69 -24.06 -33.38
C PHE B 108 -16.65 -25.08 -32.90
N LEU B 109 -15.76 -25.48 -33.81
CA LEU B 109 -14.74 -26.46 -33.55
C LEU B 109 -13.39 -25.83 -33.94
N ASP B 110 -12.43 -25.89 -33.02
CA ASP B 110 -11.06 -25.49 -33.34
C ASP B 110 -10.39 -26.65 -34.09
N SER B 111 -9.60 -26.33 -35.10
CA SER B 111 -8.98 -27.34 -35.94
C SER B 111 -7.96 -28.23 -35.20
N ASP B 112 -7.45 -27.87 -34.03
CA ASP B 112 -6.60 -28.85 -33.25
C ASP B 112 -7.44 -29.99 -32.63
N ASP B 113 -8.75 -29.75 -32.39
CA ASP B 113 -9.54 -30.50 -31.40
C ASP B 113 -10.28 -31.70 -32.02
N LEU B 114 -10.95 -32.47 -31.15
CA LEU B 114 -11.64 -33.74 -31.50
C LEU B 114 -13.04 -33.77 -30.86
N LEU B 115 -14.05 -34.24 -31.62
CA LEU B 115 -15.36 -34.55 -31.04
C LEU B 115 -15.42 -36.05 -30.72
N HIS B 116 -16.00 -36.35 -29.56
CA HIS B 116 -16.53 -37.66 -29.19
C HIS B 116 -17.59 -38.03 -30.23
N GLU B 117 -17.69 -39.31 -30.56
CA GLU B 117 -18.65 -39.76 -31.59
C GLU B 117 -20.11 -39.45 -31.21
N ARG B 118 -20.40 -39.23 -29.91
CA ARG B 118 -21.80 -38.99 -29.49
C ARG B 118 -22.06 -37.50 -29.19
N ALA B 119 -21.12 -36.62 -29.55
CA ALA B 119 -21.23 -35.20 -29.25
C ALA B 119 -22.47 -34.56 -29.90
N LEU B 120 -22.59 -34.65 -31.23
CA LEU B 120 -23.67 -33.89 -31.91
C LEU B 120 -25.06 -34.41 -31.51
N GLU B 121 -25.22 -35.73 -31.53
CA GLU B 121 -26.50 -36.35 -31.19
C GLU B 121 -26.90 -36.03 -29.74
N ASP B 122 -25.99 -36.30 -28.79
CA ASP B 122 -26.32 -36.14 -27.36
C ASP B 122 -26.59 -34.67 -27.03
N LEU B 123 -25.77 -33.75 -27.58
CA LEU B 123 -25.94 -32.34 -27.25
C LEU B 123 -27.22 -31.82 -27.92
N TYR B 124 -27.42 -32.15 -29.20
CA TYR B 124 -28.66 -31.73 -29.90
C TYR B 124 -29.92 -32.27 -29.20
N ASN B 125 -29.90 -33.56 -28.82
CA ASN B 125 -31.11 -34.20 -28.20
C ASN B 125 -31.44 -33.57 -26.85
N TYR B 126 -30.42 -33.31 -26.03
CA TYR B 126 -30.57 -32.66 -24.74
C TYR B 126 -31.15 -31.27 -24.96
N GLY B 127 -30.64 -30.59 -25.99
CA GLY B 127 -31.04 -29.25 -26.29
C GLY B 127 -32.49 -29.18 -26.71
N LYS B 128 -32.90 -30.15 -27.53
CA LYS B 128 -34.28 -30.25 -27.99
C LYS B 128 -35.24 -30.56 -26.83
N GLU B 129 -34.89 -31.57 -26.03
CA GLU B 129 -35.66 -31.94 -24.83
C GLU B 129 -35.95 -30.74 -23.93
N ASN B 130 -34.97 -29.84 -23.78
CA ASN B 130 -34.99 -28.78 -22.78
C ASN B 130 -35.17 -27.40 -23.42
N ASN B 131 -35.56 -27.33 -24.70
CA ASN B 131 -35.76 -26.06 -25.43
C ASN B 131 -34.54 -25.15 -25.23
N SER B 132 -33.32 -25.70 -25.38
CA SER B 132 -32.07 -24.96 -25.01
C SER B 132 -31.63 -24.03 -26.14
N ASP B 133 -31.21 -22.81 -25.76
CA ASP B 133 -30.56 -21.86 -26.69
C ASP B 133 -29.07 -22.23 -26.80
N LEU B 134 -28.54 -22.83 -25.74
CA LEU B 134 -27.12 -23.07 -25.64
C LEU B 134 -26.91 -24.40 -24.91
N ILE B 135 -26.09 -25.28 -25.48
CA ILE B 135 -25.75 -26.56 -24.85
C ILE B 135 -24.22 -26.65 -24.78
N ILE B 136 -23.73 -27.03 -23.59
CA ILE B 136 -22.33 -27.05 -23.28
C ILE B 136 -21.96 -28.47 -22.84
N GLY B 137 -21.07 -29.12 -23.58
CA GLY B 137 -20.63 -30.45 -23.24
C GLY B 137 -19.28 -30.43 -22.55
N LYS B 138 -19.07 -31.38 -21.65
CA LYS B 138 -17.87 -31.49 -20.87
C LYS B 138 -16.68 -31.62 -21.83
N TYR B 139 -15.58 -30.90 -21.47
CA TYR B 139 -14.31 -30.86 -22.19
C TYR B 139 -13.35 -31.85 -21.55
N GLY B 140 -12.59 -32.52 -22.42
CA GLY B 140 -11.44 -33.24 -22.08
C GLY B 140 -10.22 -32.53 -22.63
N VAL B 141 -9.04 -33.06 -22.31
CA VAL B 141 -7.84 -32.40 -22.69
C VAL B 141 -6.79 -33.48 -22.96
N GLU B 142 -6.02 -33.25 -24.02
CA GLU B 142 -4.95 -34.14 -24.38
C GLU B 142 -3.64 -33.36 -24.19
N GLY B 143 -2.68 -33.98 -23.48
CA GLY B 143 -1.37 -33.36 -23.23
C GLY B 143 -1.42 -32.12 -22.33
N LYS B 144 -0.34 -31.92 -21.54
CA LYS B 144 -0.18 -30.72 -20.71
C LYS B 144 -0.08 -29.49 -21.61
N GLY B 145 -0.59 -28.34 -21.15
CA GLY B 145 -0.54 -27.07 -21.90
C GLY B 145 -1.74 -26.17 -21.63
N SER B 147 -5.03 -26.94 -19.33
CA SER B 147 -6.29 -27.40 -18.72
C SER B 147 -7.49 -26.69 -19.36
N VAL B 148 -8.68 -27.18 -19.01
CA VAL B 148 -9.99 -26.73 -19.47
C VAL B 148 -10.81 -26.42 -18.22
N PRO B 149 -11.92 -25.65 -18.29
CA PRO B 149 -12.73 -25.38 -17.11
C PRO B 149 -13.35 -26.67 -16.56
N LYS B 150 -13.56 -26.63 -15.25
CA LYS B 150 -13.99 -27.74 -14.51
C LYS B 150 -15.29 -27.38 -13.75
N ALA B 151 -15.38 -26.19 -13.16
CA ALA B 151 -16.45 -25.91 -12.19
C ALA B 151 -17.84 -26.06 -12.86
N ILE B 152 -18.00 -25.52 -14.07
CA ILE B 152 -19.25 -25.64 -14.85
C ILE B 152 -19.70 -27.10 -14.96
N PHE B 153 -18.77 -28.06 -14.95
CA PHE B 153 -19.12 -29.47 -15.14
C PHE B 153 -19.23 -30.22 -13.81
N GLU B 154 -19.17 -29.53 -12.66
CA GLU B 154 -19.12 -30.28 -11.40
C GLU B 154 -20.48 -30.31 -10.72
N LYS B 155 -21.55 -30.03 -11.48
CA LYS B 155 -22.91 -30.22 -11.00
C LYS B 155 -23.67 -31.22 -11.87
N GLY B 156 -22.95 -31.98 -12.71
CA GLY B 156 -23.55 -33.04 -13.49
C GLY B 156 -24.38 -32.45 -14.61
N ASN B 157 -25.40 -33.18 -15.06
CA ASN B 157 -26.24 -32.76 -16.17
C ASN B 157 -27.22 -31.70 -15.66
N VAL B 158 -27.25 -30.51 -16.31
CA VAL B 158 -28.08 -29.39 -15.84
C VAL B 158 -28.99 -29.01 -17.02
N ALA B 159 -30.29 -29.18 -16.85
CA ALA B 159 -31.23 -28.95 -17.95
C ALA B 159 -31.45 -27.45 -18.17
N LYS B 160 -31.56 -26.70 -17.06
CA LYS B 160 -31.77 -25.28 -17.06
C LYS B 160 -30.73 -24.59 -16.16
N ALA B 161 -29.59 -24.21 -16.74
CA ALA B 161 -28.43 -23.74 -16.02
C ALA B 161 -28.52 -22.23 -15.82
N ASP B 162 -27.78 -21.73 -14.83
CA ASP B 162 -27.74 -20.33 -14.50
C ASP B 162 -26.26 -19.86 -14.56
N ILE B 163 -26.04 -18.65 -15.11
CA ILE B 163 -24.71 -18.13 -15.40
C ILE B 163 -23.88 -18.15 -14.12
N ILE B 164 -24.43 -17.67 -13.01
CA ILE B 164 -23.63 -17.51 -11.82
C ILE B 164 -23.48 -18.86 -11.12
N ASP B 165 -24.60 -19.54 -10.85
CA ASP B 165 -24.62 -20.78 -10.04
C ASP B 165 -23.86 -21.92 -10.72
N ASN B 166 -23.82 -21.93 -12.05
CA ASN B 166 -23.13 -22.99 -12.80
C ASN B 166 -21.83 -22.50 -13.45
N SER B 167 -21.28 -21.37 -12.98
CA SER B 167 -19.88 -20.98 -13.25
C SER B 167 -19.65 -20.76 -14.74
N ILE B 168 -20.65 -20.26 -15.47
CA ILE B 168 -20.54 -20.11 -16.87
C ILE B 168 -19.53 -19.00 -17.23
N PHE B 169 -19.26 -18.05 -16.33
CA PHE B 169 -18.33 -16.97 -16.63
C PHE B 169 -16.91 -17.51 -16.68
N TYR B 170 -16.68 -18.71 -16.10
CA TYR B 170 -15.42 -19.39 -16.08
C TYR B 170 -15.27 -20.38 -17.24
N ALA B 171 -16.25 -20.41 -18.17
CA ALA B 171 -16.20 -21.30 -19.34
C ALA B 171 -16.72 -20.58 -20.59
N LEU B 172 -16.19 -19.42 -20.93
CA LEU B 172 -16.82 -18.61 -22.00
C LEU B 172 -16.28 -18.85 -23.43
N SER B 173 -15.58 -19.95 -23.70
CA SER B 173 -15.24 -20.30 -25.12
C SER B 173 -16.53 -20.55 -25.95
N VAL B 174 -16.41 -20.49 -27.28
CA VAL B 174 -17.51 -20.78 -28.20
C VAL B 174 -17.48 -22.24 -28.67
N LEU B 175 -16.79 -23.11 -27.91
CA LEU B 175 -16.81 -24.56 -28.17
C LEU B 175 -18.03 -25.16 -27.51
N LYS B 176 -19.16 -24.72 -28.05
CA LYS B 176 -20.48 -25.00 -27.54
C LYS B 176 -21.45 -25.10 -28.72
N MET B 177 -22.66 -25.59 -28.43
CA MET B 177 -23.78 -25.67 -29.39
C MET B 177 -24.72 -24.48 -29.19
N PHE B 178 -24.82 -23.61 -30.19
CA PHE B 178 -25.54 -22.35 -30.15
C PHE B 178 -26.75 -22.41 -31.08
N LYS B 179 -27.95 -22.02 -30.59
CA LYS B 179 -29.14 -21.97 -31.41
C LYS B 179 -29.01 -20.79 -32.39
N LYS B 180 -29.21 -21.07 -33.67
CA LYS B 180 -28.81 -20.17 -34.74
C LYS B 180 -29.76 -18.97 -34.87
N SER B 181 -31.04 -19.18 -34.61
CA SER B 181 -32.02 -18.08 -34.61
C SER B 181 -31.64 -16.94 -33.64
N VAL B 182 -31.06 -17.28 -32.49
CA VAL B 182 -30.65 -16.27 -31.52
C VAL B 182 -29.57 -15.35 -32.13
N ILE B 183 -28.53 -15.98 -32.73
CA ILE B 183 -27.44 -15.30 -33.46
C ILE B 183 -27.99 -14.45 -34.62
N ASP B 184 -28.88 -15.03 -35.44
CA ASP B 184 -29.41 -14.34 -36.64
C ASP B 184 -30.23 -13.10 -36.24
N LYS B 185 -31.24 -13.27 -35.38
CA LYS B 185 -32.18 -12.16 -35.08
C LYS B 185 -31.45 -11.04 -34.29
N ASN B 186 -30.39 -11.35 -33.53
CA ASN B 186 -29.65 -10.32 -32.77
C ASN B 186 -28.36 -9.89 -33.48
N LYS B 187 -28.13 -10.41 -34.68
CA LYS B 187 -27.00 -10.07 -35.53
C LYS B 187 -25.69 -10.24 -34.75
N ILE B 188 -25.54 -11.37 -34.03
CA ILE B 188 -24.34 -11.61 -33.22
C ILE B 188 -23.21 -12.09 -34.14
N LYS B 189 -22.05 -11.44 -34.03
CA LYS B 189 -20.89 -11.66 -34.88
C LYS B 189 -19.62 -11.61 -34.03
N PHE B 190 -18.58 -12.34 -34.45
CA PHE B 190 -17.29 -12.23 -33.81
C PHE B 190 -16.64 -10.89 -34.22
N LYS B 191 -16.01 -10.22 -33.24
CA LYS B 191 -15.33 -8.92 -33.46
C LYS B 191 -13.80 -9.14 -33.55
N THR B 192 -13.10 -8.04 -33.90
CA THR B 192 -11.65 -8.03 -34.14
C THR B 192 -10.95 -6.95 -33.30
N PHE B 193 -11.55 -6.57 -32.16
CA PHE B 193 -10.95 -5.56 -31.22
C PHE B 193 -9.60 -6.04 -30.67
N SER B 194 -9.53 -7.33 -30.29
CA SER B 194 -8.38 -7.87 -29.55
C SER B 194 -8.02 -9.30 -30.00
N LYS B 195 -6.79 -9.69 -29.61
CA LYS B 195 -6.23 -10.99 -29.97
C LYS B 195 -6.92 -12.05 -29.11
N THR B 196 -7.28 -11.66 -27.88
CA THR B 196 -7.89 -12.51 -26.89
C THR B 196 -9.32 -12.01 -26.56
N ALA B 197 -10.12 -12.93 -26.03
CA ALA B 197 -11.40 -12.67 -25.42
C ALA B 197 -12.49 -12.35 -26.46
N GLU B 198 -12.22 -12.49 -27.77
CA GLU B 198 -13.28 -12.31 -28.76
C GLU B 198 -14.32 -13.45 -28.70
N ASP B 199 -13.88 -14.66 -28.35
CA ASP B 199 -14.79 -15.77 -28.10
C ASP B 199 -15.62 -15.52 -26.82
N GLN B 200 -15.00 -14.93 -25.78
CA GLN B 200 -15.74 -14.56 -24.57
C GLN B 200 -16.85 -13.58 -24.89
N LEU B 201 -16.53 -12.56 -25.71
CA LEU B 201 -17.53 -11.54 -26.01
C LEU B 201 -18.70 -12.20 -26.77
N PHE B 202 -18.39 -13.05 -27.75
CA PHE B 202 -19.43 -13.74 -28.53
C PHE B 202 -20.39 -14.53 -27.61
N THR B 203 -19.83 -15.34 -26.69
CA THR B 203 -20.65 -16.12 -25.77
C THR B 203 -21.46 -15.23 -24.81
N ILE B 204 -20.86 -14.15 -24.27
CA ILE B 204 -21.59 -13.22 -23.40
C ILE B 204 -22.78 -12.60 -24.16
N GLU B 205 -22.54 -12.14 -25.39
CA GLU B 205 -23.59 -11.49 -26.14
C GLU B 205 -24.72 -12.52 -26.36
N PHE B 206 -24.35 -13.78 -26.59
CA PHE B 206 -25.34 -14.81 -26.79
C PHE B 206 -26.13 -15.04 -25.48
N LEU B 207 -25.42 -15.17 -24.36
CA LEU B 207 -26.04 -15.44 -23.04
C LEU B 207 -27.02 -14.32 -22.68
N MET B 208 -26.67 -13.10 -23.05
CA MET B 208 -27.46 -11.94 -22.69
C MET B 208 -28.68 -11.80 -23.61
N ASN B 209 -28.75 -12.61 -24.67
CA ASN B 209 -29.87 -12.58 -25.58
C ASN B 209 -30.64 -13.92 -25.54
N SER B 210 -30.36 -14.78 -24.54
CA SER B 210 -31.06 -16.06 -24.45
C SER B 210 -31.27 -16.44 -22.97
N LYS B 211 -32.18 -17.37 -22.70
CA LYS B 211 -32.50 -17.68 -21.31
C LYS B 211 -32.24 -19.14 -20.96
N ASN B 212 -32.23 -20.04 -21.96
CA ASN B 212 -32.21 -21.46 -21.69
C ASN B 212 -30.83 -22.06 -22.06
N TYR B 213 -30.11 -22.52 -21.03
CA TYR B 213 -28.79 -23.07 -21.18
C TYR B 213 -28.79 -24.47 -20.54
N SER B 214 -28.07 -25.41 -21.15
CA SER B 214 -27.96 -26.77 -20.67
C SER B 214 -26.49 -27.18 -20.63
N ILE B 215 -26.16 -28.07 -19.69
CA ILE B 215 -24.82 -28.58 -19.51
C ILE B 215 -24.94 -30.09 -19.46
N LYS B 216 -24.13 -30.79 -20.27
CA LYS B 216 -24.12 -32.25 -20.34
C LYS B 216 -22.71 -32.75 -20.00
N THR B 217 -22.61 -33.77 -19.13
CA THR B 217 -21.31 -34.22 -18.56
C THR B 217 -21.13 -35.75 -18.63
N ASP B 218 -21.96 -36.45 -19.43
CA ASP B 218 -21.92 -37.91 -19.45
C ASP B 218 -20.64 -38.43 -20.13
N TYR B 219 -20.12 -37.66 -21.09
CA TYR B 219 -18.84 -37.98 -21.72
C TYR B 219 -17.95 -36.75 -21.82
N GLU B 220 -16.68 -36.98 -22.15
CA GLU B 220 -15.84 -35.90 -22.67
C GLU B 220 -16.22 -35.70 -24.14
N TYR B 221 -17.15 -34.79 -24.37
CA TYR B 221 -17.80 -34.63 -25.66
C TYR B 221 -16.86 -33.94 -26.66
N TYR B 222 -15.94 -33.13 -26.12
CA TYR B 222 -15.03 -32.27 -26.88
C TYR B 222 -13.63 -32.42 -26.25
N ILE B 223 -12.64 -32.84 -27.03
CA ILE B 223 -11.24 -32.93 -26.57
C ILE B 223 -10.40 -31.77 -27.12
N VAL B 224 -9.90 -30.94 -26.21
CA VAL B 224 -8.94 -29.90 -26.53
C VAL B 224 -7.56 -30.57 -26.61
N VAL B 225 -6.94 -30.49 -27.78
CA VAL B 225 -5.66 -31.13 -28.00
C VAL B 225 -4.55 -30.08 -27.88
N ASN B 226 -3.61 -30.32 -26.95
CA ASN B 226 -2.43 -29.46 -26.79
C ASN B 226 -1.34 -29.98 -27.75
N ASP B 227 -1.21 -29.29 -28.88
CA ASP B 227 -0.14 -29.49 -29.86
C ASP B 227 0.93 -28.42 -29.58
N PHE B 228 1.97 -28.38 -30.41
CA PHE B 228 3.11 -27.51 -30.13
C PHE B 228 2.75 -26.05 -30.44
N ASN B 242 -5.66 -5.10 -31.01
CA ASN B 242 -4.94 -5.33 -29.73
C ASN B 242 -5.49 -4.47 -28.57
N GLN B 243 -6.82 -4.37 -28.48
CA GLN B 243 -7.51 -3.53 -27.50
C GLN B 243 -8.33 -4.47 -26.61
N TYR B 244 -7.65 -5.19 -25.71
CA TYR B 244 -8.27 -6.10 -24.78
C TYR B 244 -9.39 -5.43 -23.98
N PHE B 245 -9.18 -4.21 -23.50
CA PHE B 245 -10.23 -3.57 -22.72
C PHE B 245 -11.39 -3.10 -23.63
N ALA B 246 -11.19 -3.00 -24.94
CA ALA B 246 -12.33 -2.73 -25.84
C ALA B 246 -13.30 -3.91 -25.76
N THR B 247 -12.73 -5.12 -25.68
CA THR B 247 -13.52 -6.33 -25.59
C THR B 247 -14.21 -6.43 -24.22
N ILE B 248 -13.46 -6.16 -23.14
CA ILE B 248 -14.01 -6.24 -21.78
C ILE B 248 -15.16 -5.24 -21.68
N ASN B 249 -14.97 -4.05 -22.23
CA ASN B 249 -15.99 -2.98 -22.19
C ASN B 249 -17.29 -3.46 -22.86
N GLU B 250 -17.14 -4.14 -24.00
CA GLU B 250 -18.30 -4.65 -24.75
C GLU B 250 -19.01 -5.75 -23.96
N ILE B 251 -18.28 -6.54 -23.15
CA ILE B 251 -18.90 -7.51 -22.27
C ILE B 251 -19.79 -6.80 -21.24
N TYR B 252 -19.29 -5.75 -20.57
CA TYR B 252 -20.13 -5.04 -19.60
C TYR B 252 -21.31 -4.36 -20.31
N LYS B 253 -21.07 -3.76 -21.48
CA LYS B 253 -22.17 -3.15 -22.23
C LYS B 253 -23.27 -4.19 -22.52
N ALA B 254 -22.88 -5.41 -22.94
CA ALA B 254 -23.88 -6.45 -23.29
C ALA B 254 -24.75 -6.78 -22.06
N ILE B 255 -24.14 -6.93 -20.88
CA ILE B 255 -24.87 -7.19 -19.65
C ILE B 255 -25.87 -6.05 -19.41
N TYR B 256 -25.40 -4.80 -19.45
CA TYR B 256 -26.26 -3.68 -19.04
C TYR B 256 -27.30 -3.33 -20.09
N LYS B 257 -27.24 -3.91 -21.29
CA LYS B 257 -28.29 -3.69 -22.30
C LYS B 257 -29.10 -4.97 -22.52
N SER B 258 -28.91 -6.01 -21.70
CA SER B 258 -29.57 -7.32 -21.95
C SER B 258 -31.08 -7.18 -21.97
N PRO B 259 -31.75 -7.63 -23.06
CA PRO B 259 -33.21 -7.71 -23.06
C PRO B 259 -33.76 -8.94 -22.31
N ILE B 260 -32.89 -9.82 -21.82
CA ILE B 260 -33.26 -10.96 -21.03
C ILE B 260 -33.14 -10.63 -19.54
N TYR B 261 -31.97 -10.16 -19.13
CA TYR B 261 -31.70 -9.75 -17.75
C TYR B 261 -31.92 -8.26 -17.67
N LYS B 262 -33.20 -7.87 -17.53
CA LYS B 262 -33.65 -6.49 -17.66
C LYS B 262 -33.55 -5.77 -16.32
N ASN B 263 -33.55 -6.51 -15.20
CA ASN B 263 -33.61 -5.91 -13.86
C ASN B 263 -32.23 -5.32 -13.56
N GLN B 264 -32.20 -4.07 -13.08
CA GLN B 264 -30.96 -3.37 -12.90
C GLN B 264 -30.12 -4.04 -11.81
N GLU B 265 -30.72 -4.51 -10.70
CA GLU B 265 -29.92 -5.22 -9.66
C GLU B 265 -29.32 -6.53 -10.18
N LYS B 266 -30.08 -7.26 -11.02
CA LYS B 266 -29.55 -8.49 -11.63
C LYS B 266 -28.34 -8.16 -12.52
N ARG B 267 -28.41 -7.04 -13.27
CA ARG B 267 -27.31 -6.64 -14.13
C ARG B 267 -26.08 -6.35 -13.24
N HIS B 268 -26.30 -5.66 -12.12
CA HIS B 268 -25.24 -5.37 -11.18
C HIS B 268 -24.60 -6.64 -10.65
N GLN B 269 -25.42 -7.65 -10.34
CA GLN B 269 -24.94 -8.93 -9.83
C GLN B 269 -24.07 -9.59 -10.93
N LEU B 270 -24.58 -9.65 -12.17
CA LEU B 270 -23.84 -10.29 -13.30
C LEU B 270 -22.50 -9.56 -13.50
N ALA B 271 -22.52 -8.21 -13.47
CA ALA B 271 -21.34 -7.39 -13.68
C ALA B 271 -20.30 -7.65 -12.59
N GLY B 272 -20.74 -7.73 -11.33
CA GLY B 272 -19.82 -7.97 -10.23
C GLY B 272 -19.20 -9.36 -10.28
N LYS B 273 -19.97 -10.36 -10.70
CA LYS B 273 -19.48 -11.74 -10.77
C LYS B 273 -18.48 -11.87 -11.93
N TYR B 274 -18.70 -11.09 -12.99
CA TYR B 274 -17.78 -11.03 -14.08
C TYR B 274 -16.49 -10.30 -13.62
N THR B 275 -16.64 -9.14 -12.97
CA THR B 275 -15.49 -8.43 -12.38
C THR B 275 -14.62 -9.41 -11.58
N THR B 276 -15.28 -10.22 -10.75
CA THR B 276 -14.58 -11.22 -9.92
C THR B 276 -13.81 -12.18 -10.84
N ARG B 277 -14.48 -12.67 -11.89
CA ARG B 277 -13.85 -13.59 -12.86
C ARG B 277 -12.64 -12.89 -13.49
N LEU B 278 -12.82 -11.62 -13.87
CA LEU B 278 -11.75 -10.83 -14.48
C LEU B 278 -10.53 -10.73 -13.53
N LEU B 279 -10.74 -10.48 -12.25
CA LEU B 279 -9.64 -10.33 -11.30
C LEU B 279 -9.00 -11.69 -10.95
N ARG B 280 -9.75 -12.80 -11.05
CA ARG B 280 -9.17 -14.12 -10.71
C ARG B 280 -8.40 -14.71 -11.90
N HIS B 281 -8.90 -14.51 -13.13
CA HIS B 281 -8.36 -15.25 -14.31
C HIS B 281 -8.13 -14.34 -15.52
N GLY B 282 -8.31 -13.02 -15.39
CA GLY B 282 -8.09 -12.11 -16.53
C GLY B 282 -6.66 -12.16 -17.06
N GLN B 283 -6.49 -11.67 -18.29
CA GLN B 283 -5.17 -11.44 -18.97
C GLN B 283 -4.31 -10.53 -18.08
N LYS B 284 -3.02 -10.82 -17.90
CA LYS B 284 -2.07 -9.96 -17.15
C LYS B 284 -2.66 -9.51 -15.80
N LYS B 285 -3.29 -10.44 -15.06
CA LYS B 285 -3.99 -10.06 -13.81
C LYS B 285 -3.00 -9.50 -12.77
N ASN B 286 -1.73 -9.96 -12.80
CA ASN B 286 -0.66 -9.48 -11.90
C ASN B 286 0.27 -8.47 -12.61
N PHE B 287 -0.29 -7.63 -13.47
CA PHE B 287 0.53 -6.69 -14.28
C PHE B 287 1.30 -5.71 -13.40
N ALA B 288 0.75 -5.34 -12.25
CA ALA B 288 1.26 -4.17 -11.48
C ALA B 288 2.71 -4.36 -10.99
N ASN B 289 3.07 -5.54 -10.49
CA ASN B 289 4.40 -5.80 -10.01
C ASN B 289 5.22 -6.59 -11.07
N SER B 290 4.74 -6.65 -12.30
CA SER B 290 5.42 -7.41 -13.37
C SER B 290 6.57 -6.58 -13.96
N LYS B 291 7.31 -7.21 -14.87
CA LYS B 291 8.43 -6.58 -15.53
C LYS B 291 8.02 -5.88 -16.84
N MET B 292 6.72 -5.69 -17.04
CA MET B 292 6.18 -4.79 -18.06
C MET B 292 6.83 -3.40 -17.93
N LYS B 293 7.24 -2.82 -19.06
CA LYS B 293 7.70 -1.45 -19.16
C LYS B 293 6.65 -0.47 -18.61
N TYR B 294 7.12 0.59 -17.94
CA TYR B 294 6.22 1.52 -17.33
C TYR B 294 5.17 2.04 -18.33
N GLU B 295 5.59 2.50 -19.50
CA GLU B 295 4.68 3.08 -20.49
C GLU B 295 3.55 2.09 -20.82
N ASP B 296 3.87 0.81 -21.06
CA ASP B 296 2.87 -0.25 -21.27
C ASP B 296 2.01 -0.51 -20.02
N LYS B 297 2.63 -0.50 -18.84
CA LYS B 297 1.97 -0.86 -17.60
C LYS B 297 0.95 0.22 -17.19
N ILE B 298 1.33 1.48 -17.36
CA ILE B 298 0.49 2.62 -17.01
C ILE B 298 -0.69 2.70 -17.99
N GLU B 299 -0.45 2.31 -19.26
CA GLU B 299 -1.51 2.24 -20.28
C GLU B 299 -2.51 1.15 -19.89
N TRP B 300 -2.00 -0.02 -19.50
CA TRP B 300 -2.80 -1.12 -19.10
C TRP B 300 -3.75 -0.67 -17.98
N LEU B 301 -3.20 -0.09 -16.92
CA LEU B 301 -3.97 0.32 -15.77
C LEU B 301 -5.05 1.34 -16.17
N ASN B 302 -4.66 2.35 -16.95
CA ASN B 302 -5.57 3.39 -17.32
C ASN B 302 -6.72 2.82 -18.15
N ASN B 303 -6.41 1.92 -19.08
CA ASN B 303 -7.48 1.31 -19.89
C ASN B 303 -8.37 0.44 -19.02
N PHE B 304 -7.80 -0.27 -18.05
CA PHE B 304 -8.60 -1.06 -17.09
C PHE B 304 -9.53 -0.14 -16.25
N SER B 305 -8.94 0.95 -15.74
CA SER B 305 -9.62 1.91 -14.91
C SER B 305 -10.82 2.54 -15.62
N LYS B 306 -10.60 2.98 -16.85
CA LYS B 306 -11.62 3.72 -17.53
C LYS B 306 -12.73 2.76 -17.97
N THR B 307 -12.38 1.48 -18.18
CA THR B 307 -13.37 0.46 -18.50
C THR B 307 -14.24 0.18 -17.27
N ILE B 308 -13.61 -0.11 -16.13
CA ILE B 308 -14.38 -0.43 -14.94
C ILE B 308 -15.14 0.80 -14.45
N ASN B 309 -14.65 2.02 -14.69
CA ASN B 309 -15.38 3.21 -14.19
C ASN B 309 -16.65 3.48 -15.00
N LYS B 310 -16.88 2.72 -16.07
CA LYS B 310 -18.19 2.78 -16.76
C LYS B 310 -19.19 1.77 -16.19
N VAL B 311 -18.72 0.91 -15.27
CA VAL B 311 -19.52 -0.07 -14.59
C VAL B 311 -19.99 0.56 -13.28
N PRO B 312 -21.31 0.61 -13.00
CA PRO B 312 -21.82 1.15 -11.73
C PRO B 312 -21.12 0.52 -10.53
N ARG B 313 -20.81 1.36 -9.53
CA ARG B 313 -20.30 0.89 -8.27
C ARG B 313 -21.25 -0.05 -7.52
N ASP B 314 -22.54 -0.06 -7.86
CA ASP B 314 -23.53 -1.02 -7.28
C ASP B 314 -23.11 -2.48 -7.50
N SER B 315 -22.30 -2.73 -8.52
CA SER B 315 -21.84 -4.05 -8.83
C SER B 315 -20.76 -4.51 -7.84
N ASP B 316 -20.03 -3.56 -7.22
CA ASP B 316 -18.82 -3.92 -6.47
C ASP B 316 -19.20 -4.76 -5.25
N LYS B 317 -20.43 -4.65 -4.71
CA LYS B 317 -20.82 -5.46 -3.53
C LYS B 317 -20.88 -6.96 -3.87
N TYR B 318 -20.93 -7.32 -5.17
CA TYR B 318 -21.01 -8.71 -5.54
C TYR B 318 -19.62 -9.31 -5.81
N VAL B 319 -18.55 -8.50 -5.70
CA VAL B 319 -17.16 -8.95 -5.89
C VAL B 319 -16.66 -9.53 -4.57
N THR B 320 -15.93 -10.64 -4.66
CA THR B 320 -15.37 -11.30 -3.50
C THR B 320 -14.53 -10.29 -2.71
N GLN B 321 -14.65 -10.36 -1.38
CA GLN B 321 -14.21 -9.32 -0.43
C GLN B 321 -12.68 -9.13 -0.44
N ILE B 322 -11.93 -10.22 -0.66
CA ILE B 322 -10.48 -10.18 -0.72
C ILE B 322 -9.98 -9.18 -1.76
N PHE B 323 -10.79 -8.89 -2.80
CA PHE B 323 -10.41 -7.99 -3.88
C PHE B 323 -10.82 -6.54 -3.66
N ASN B 324 -11.40 -6.22 -2.51
CA ASN B 324 -11.91 -4.88 -2.22
C ASN B 324 -10.86 -3.79 -2.54
N LEU B 325 -9.63 -3.96 -2.05
CA LEU B 325 -8.57 -2.92 -2.23
C LEU B 325 -8.12 -2.86 -3.70
N LYS B 326 -7.88 -4.04 -4.28
CA LYS B 326 -7.39 -4.10 -5.64
C LYS B 326 -8.41 -3.45 -6.59
N LEU B 327 -9.69 -3.73 -6.38
CA LEU B 327 -10.74 -3.17 -7.22
C LEU B 327 -10.79 -1.65 -7.05
N GLU B 328 -10.75 -1.18 -5.80
CA GLU B 328 -10.84 0.27 -5.58
C GLU B 328 -9.61 0.98 -6.17
N ALA B 329 -8.44 0.34 -6.05
CA ALA B 329 -7.21 0.90 -6.59
C ALA B 329 -7.30 1.05 -8.12
N ILE B 330 -7.92 0.06 -8.80
CA ILE B 330 -8.12 0.17 -10.22
C ILE B 330 -9.09 1.32 -10.55
N ARG B 331 -10.20 1.41 -9.82
CA ARG B 331 -11.16 2.50 -10.01
C ARG B 331 -10.49 3.87 -9.84
N GLN B 332 -9.63 3.98 -8.82
CA GLN B 332 -8.87 5.21 -8.56
C GLN B 332 -7.71 5.44 -9.54
N ASN B 333 -7.33 4.44 -10.34
CA ASN B 333 -6.30 4.63 -11.36
C ASN B 333 -4.96 4.90 -10.67
N ASP B 334 -4.64 4.11 -9.64
CA ASP B 334 -3.53 4.36 -8.75
C ASP B 334 -2.61 3.15 -8.78
N LEU B 335 -1.52 3.26 -9.54
CA LEU B 335 -0.65 2.13 -9.80
C LEU B 335 -0.01 1.65 -8.50
N LEU B 336 0.43 2.60 -7.67
CA LEU B 336 1.04 2.27 -6.37
C LEU B 336 0.10 1.41 -5.54
N ALA B 337 -1.18 1.78 -5.45
CA ALA B 337 -2.16 1.03 -4.63
C ALA B 337 -2.41 -0.36 -5.23
N VAL B 338 -2.40 -0.49 -6.57
CA VAL B 338 -2.55 -1.80 -7.20
C VAL B 338 -1.33 -2.67 -6.91
N MET B 339 -0.13 -2.07 -6.99
CA MET B 339 1.06 -2.77 -6.62
C MET B 339 0.95 -3.28 -5.18
N ILE B 340 0.49 -2.42 -4.26
CA ILE B 340 0.44 -2.77 -2.83
C ILE B 340 -0.61 -3.88 -2.65
N ALA B 341 -1.77 -3.71 -3.31
CA ALA B 341 -2.89 -4.65 -3.21
C ALA B 341 -2.44 -6.07 -3.59
N ASP B 342 -1.65 -6.16 -4.67
CA ASP B 342 -1.12 -7.44 -5.14
C ASP B 342 -0.12 -8.04 -4.13
N LYS B 343 0.69 -7.20 -3.49
CA LYS B 343 1.62 -7.66 -2.47
C LYS B 343 0.88 -8.21 -1.24
N LEU B 344 -0.31 -7.68 -0.93
CA LEU B 344 -1.07 -8.09 0.26
C LEU B 344 -1.91 -9.37 0.00
N LEU B 345 -2.21 -9.69 -1.27
CA LEU B 345 -3.00 -10.87 -1.63
C LEU B 345 -2.16 -12.15 -1.51
N MET C 19 60.15 11.46 -11.89
CA MET C 19 58.67 11.34 -11.61
C MET C 19 58.44 10.26 -10.55
N LYS C 20 57.71 10.61 -9.49
CA LYS C 20 57.43 9.69 -8.40
C LYS C 20 56.36 8.66 -8.84
N LYS C 21 56.36 7.51 -8.16
CA LYS C 21 55.38 6.46 -8.38
C LYS C 21 54.02 6.85 -7.81
N VAL C 22 54.04 7.44 -6.61
CA VAL C 22 52.82 7.70 -5.82
C VAL C 22 52.96 9.03 -5.07
N SER C 23 51.90 9.85 -5.12
CA SER C 23 51.65 10.95 -4.21
C SER C 23 50.51 10.59 -3.25
N VAL C 24 50.80 10.55 -1.94
CA VAL C 24 49.74 10.46 -0.94
C VAL C 24 49.31 11.90 -0.62
N ILE C 25 48.02 12.19 -0.85
CA ILE C 25 47.42 13.51 -0.66
C ILE C 25 46.53 13.47 0.58
N MET C 26 46.86 14.30 1.57
CA MET C 26 46.20 14.28 2.87
C MET C 26 45.76 15.69 3.27
N PRO C 27 44.44 15.97 3.28
CA PRO C 27 43.94 17.23 3.80
C PRO C 27 43.95 17.17 5.33
N THR C 28 44.20 18.31 5.97
CA THR C 28 44.18 18.43 7.45
C THR C 28 43.36 19.66 7.86
N PHE C 29 42.79 19.57 9.07
CA PHE C 29 42.11 20.68 9.74
C PHE C 29 41.97 20.34 11.23
N ASN C 30 42.72 21.05 12.07
CA ASN C 30 42.56 21.00 13.54
C ASN C 30 42.75 19.57 14.09
N ASN C 31 43.69 18.81 13.51
CA ASN C 31 43.93 17.43 13.95
C ASN C 31 44.94 17.38 15.11
N GLY C 32 45.87 18.34 15.15
CA GLY C 32 46.92 18.38 16.15
C GLY C 32 47.69 17.07 16.22
N GLU C 33 47.97 16.62 17.45
CA GLU C 33 48.97 15.57 17.73
C GLU C 33 48.51 14.20 17.21
N LYS C 34 47.19 14.05 16.98
CA LYS C 34 46.63 12.84 16.36
C LYS C 34 47.33 12.53 15.02
N LEU C 35 47.73 13.59 14.29
CA LEU C 35 48.38 13.47 12.97
C LEU C 35 49.64 12.60 13.01
N HIS C 36 50.36 12.59 14.15
CA HIS C 36 51.63 11.87 14.28
C HIS C 36 51.47 10.44 13.78
N ARG C 37 50.44 9.73 14.29
CA ARG C 37 50.22 8.32 13.95
C ARG C 37 50.03 8.17 12.43
N THR C 38 49.24 9.06 11.84
CA THR C 38 48.95 9.00 10.41
C THR C 38 50.24 9.24 9.60
N ILE C 39 50.95 10.34 9.92
CA ILE C 39 52.14 10.67 9.11
C ILE C 39 53.20 9.57 9.24
N SER C 40 53.44 9.07 10.47
CA SER C 40 54.35 7.94 10.71
C SER C 40 54.06 6.72 9.81
N SER C 41 52.79 6.34 9.73
CA SER C 41 52.35 5.17 8.97
C SER C 41 52.70 5.33 7.47
N VAL C 42 52.69 6.58 6.97
CA VAL C 42 53.01 6.92 5.58
C VAL C 42 54.52 6.97 5.36
N LEU C 43 55.28 7.51 6.32
CA LEU C 43 56.75 7.51 6.19
C LEU C 43 57.34 6.09 6.37
N ASN C 44 56.65 5.18 7.08
CA ASN C 44 57.14 3.80 7.29
CA ASN C 44 57.14 3.81 7.29
C ASN C 44 56.53 2.87 6.24
N GLN C 45 56.87 3.09 4.97
CA GLN C 45 56.41 2.24 3.87
C GLN C 45 57.58 1.38 3.39
N THR C 46 57.25 0.21 2.83
CA THR C 46 58.27 -0.66 2.23
C THR C 46 58.80 -0.05 0.92
N MET C 47 57.95 0.70 0.24
CA MET C 47 58.35 1.45 -0.97
C MET C 47 59.51 2.40 -0.62
N LYS C 48 60.54 2.44 -1.47
CA LYS C 48 61.72 3.33 -1.30
C LYS C 48 61.23 4.78 -1.20
N SER C 49 61.76 5.56 -0.23
CA SER C 49 61.16 6.88 0.11
C SER C 49 61.36 7.88 -1.04
N THR C 50 62.31 7.61 -1.93
CA THR C 50 62.54 8.44 -3.11
C THR C 50 61.41 8.28 -4.13
N ASP C 51 60.65 7.18 -4.04
CA ASP C 51 59.65 6.83 -5.05
C ASP C 51 58.26 7.41 -4.75
N TYR C 52 58.06 7.99 -3.56
CA TYR C 52 56.73 8.58 -3.21
C TYR C 52 56.88 9.81 -2.33
N GLU C 53 55.80 10.57 -2.22
CA GLU C 53 55.77 11.78 -1.44
C GLU C 53 54.42 11.82 -0.71
N LEU C 54 54.44 12.36 0.52
CA LEU C 54 53.24 12.74 1.22
C LEU C 54 53.04 14.25 1.04
N ILE C 55 51.90 14.62 0.47
CA ILE C 55 51.50 16.01 0.33
C ILE C 55 50.37 16.29 1.33
N ILE C 56 50.64 17.20 2.28
CA ILE C 56 49.69 17.62 3.30
C ILE C 56 49.19 19.03 2.93
N ILE C 57 47.87 19.20 2.83
CA ILE C 57 47.25 20.48 2.52
C ILE C 57 46.40 20.87 3.75
N ASP C 58 46.80 21.92 4.46
CA ASP C 58 46.08 22.32 5.67
C ASP C 58 44.99 23.34 5.30
N ASP C 59 43.76 23.04 5.71
CA ASP C 59 42.57 23.83 5.34
C ASP C 59 42.37 24.98 6.34
N HIS C 60 43.44 25.77 6.53
CA HIS C 60 43.58 26.89 7.48
C HIS C 60 43.08 26.51 8.89
N SER C 61 43.77 25.57 9.53
CA SER C 61 43.51 25.19 10.91
C SER C 61 43.52 26.47 11.77
N ASN C 62 42.68 26.51 12.80
CA ASN C 62 42.64 27.65 13.73
C ASN C 62 42.74 27.15 15.18
N ASP C 63 43.59 26.13 15.41
CA ASP C 63 43.75 25.47 16.72
C ASP C 63 45.02 25.99 17.42
N ASN C 64 45.28 27.30 17.31
CA ASN C 64 46.35 27.96 18.04
C ASN C 64 47.71 27.41 17.62
N GLY C 65 47.84 27.09 16.32
CA GLY C 65 49.09 26.66 15.72
C GLY C 65 49.40 25.18 15.95
N GLU C 66 48.53 24.44 16.64
CA GLU C 66 48.83 23.03 17.07
C GLU C 66 49.07 22.12 15.85
N THR C 67 48.19 22.19 14.84
CA THR C 67 48.20 21.30 13.67
C THR C 67 49.40 21.63 12.77
N LEU C 68 49.56 22.90 12.45
CA LEU C 68 50.70 23.38 11.67
C LEU C 68 52.03 23.12 12.43
N ASN C 69 52.01 23.25 13.75
CA ASN C 69 53.19 22.91 14.55
C ASN C 69 53.57 21.43 14.33
N VAL C 70 52.56 20.54 14.31
CA VAL C 70 52.82 19.11 14.12
C VAL C 70 53.41 18.87 12.73
N ILE C 71 52.81 19.48 11.71
CA ILE C 71 53.20 19.28 10.33
C ILE C 71 54.66 19.73 10.14
N LYS C 72 55.03 20.85 10.76
CA LYS C 72 56.37 21.41 10.55
C LYS C 72 57.49 20.55 11.19
N LYS C 73 57.17 19.67 12.14
CA LYS C 73 58.14 18.71 12.72
C LYS C 73 58.58 17.64 11.68
N TYR C 74 57.97 17.63 10.49
CA TYR C 74 58.31 16.72 9.38
C TYR C 74 58.89 17.47 8.17
N LYS C 75 59.32 18.72 8.36
CA LYS C 75 59.95 19.50 7.31
C LYS C 75 61.08 18.72 6.64
N GLY C 76 61.09 18.75 5.30
CA GLY C 76 62.04 18.00 4.49
C GLY C 76 61.61 16.57 4.22
N LEU C 77 60.63 16.01 4.96
CA LEU C 77 60.22 14.62 4.76
C LEU C 77 58.84 14.53 4.08
N VAL C 78 58.11 15.65 4.07
CA VAL C 78 56.77 15.74 3.48
C VAL C 78 56.74 17.04 2.70
N ARG C 79 55.73 17.21 1.83
CA ARG C 79 55.45 18.50 1.22
C ARG C 79 54.19 19.06 1.84
N PHE C 80 54.10 20.38 1.97
CA PHE C 80 52.88 20.93 2.48
C PHE C 80 52.66 22.37 2.04
N LYS C 81 51.41 22.79 2.23
CA LYS C 81 50.91 24.10 1.95
C LYS C 81 49.67 24.29 2.82
N GLN C 82 49.54 25.48 3.40
CA GLN C 82 48.37 25.88 4.14
C GLN C 82 47.53 26.80 3.25
N LEU C 83 46.23 26.54 3.13
CA LEU C 83 45.38 27.43 2.39
C LEU C 83 45.15 28.69 3.23
N LYS C 84 44.82 29.80 2.55
CA LYS C 84 44.64 31.11 3.15
C LYS C 84 43.32 31.16 3.95
N LYS C 85 42.26 30.58 3.40
CA LYS C 85 40.96 30.57 4.05
C LYS C 85 40.56 29.11 4.23
N ASN C 86 39.79 28.83 5.30
CA ASN C 86 39.22 27.52 5.52
C ASN C 86 38.08 27.33 4.51
N SER C 87 38.14 26.25 3.72
CA SER C 87 37.24 26.02 2.60
C SER C 87 35.96 25.30 3.04
N GLY C 88 36.04 24.54 4.14
CA GLY C 88 34.85 23.92 4.67
C GLY C 88 34.84 22.41 4.55
N ASN C 89 35.35 21.85 3.44
CA ASN C 89 35.42 20.38 3.28
C ASN C 89 36.75 20.02 2.59
N ALA C 90 36.98 18.72 2.45
CA ALA C 90 38.19 18.13 1.91
C ALA C 90 38.39 18.44 0.41
N SER C 91 37.41 19.03 -0.26
CA SER C 91 37.41 19.10 -1.73
C SER C 91 38.53 20.02 -2.23
N VAL C 92 38.60 21.25 -1.73
CA VAL C 92 39.55 22.25 -2.23
C VAL C 92 40.98 21.84 -1.83
N PRO C 93 41.24 21.39 -0.58
CA PRO C 93 42.56 20.85 -0.24
C PRO C 93 43.00 19.68 -1.14
N ARG C 94 42.12 18.71 -1.39
CA ARG C 94 42.45 17.60 -2.30
C ARG C 94 42.76 18.09 -3.73
N ASN C 95 41.94 19.00 -4.25
CA ASN C 95 42.19 19.58 -5.59
C ASN C 95 43.55 20.27 -5.61
N THR C 96 43.93 20.87 -4.48
CA THR C 96 45.22 21.56 -4.38
C THR C 96 46.36 20.56 -4.41
N GLY C 97 46.20 19.43 -3.71
CA GLY C 97 47.17 18.34 -3.74
C GLY C 97 47.32 17.78 -5.14
N LEU C 98 46.19 17.60 -5.85
CA LEU C 98 46.20 17.15 -7.25
C LEU C 98 47.10 18.04 -8.13
N LYS C 99 46.95 19.36 -8.06
CA LYS C 99 47.78 20.29 -8.86
C LYS C 99 49.26 20.19 -8.46
N MET C 100 49.55 19.88 -7.19
CA MET C 100 50.97 19.86 -6.77
C MET C 100 51.63 18.55 -7.17
N SER C 101 50.84 17.50 -7.38
CA SER C 101 51.39 16.17 -7.63
C SER C 101 51.80 16.01 -9.11
N LYS C 102 52.99 15.43 -9.33
CA LYS C 102 53.42 15.05 -10.69
C LYS C 102 53.68 13.53 -10.76
N ALA C 103 53.12 12.76 -9.82
CA ALA C 103 53.41 11.32 -9.69
C ALA C 103 52.59 10.53 -10.71
N GLU C 104 52.83 9.22 -10.82
CA GLU C 104 52.05 8.49 -11.78
C GLU C 104 50.70 8.02 -11.19
N TYR C 105 50.65 7.77 -9.88
CA TYR C 105 49.43 7.46 -9.17
C TYR C 105 49.26 8.42 -7.98
N VAL C 106 48.01 8.72 -7.62
CA VAL C 106 47.75 9.43 -6.38
C VAL C 106 46.94 8.52 -5.47
N PHE C 107 47.08 8.74 -4.17
CA PHE C 107 46.34 8.03 -3.18
C PHE C 107 45.86 9.04 -2.12
N PHE C 108 44.55 9.11 -1.91
CA PHE C 108 43.99 10.03 -0.92
C PHE C 108 43.88 9.33 0.42
N LEU C 109 44.47 9.96 1.45
CA LEU C 109 44.46 9.47 2.83
C LEU C 109 43.90 10.58 3.72
N ASP C 110 42.91 10.24 4.56
CA ASP C 110 42.36 11.22 5.48
C ASP C 110 43.23 11.25 6.73
N SER C 111 43.12 12.37 7.44
CA SER C 111 44.05 12.76 8.45
C SER C 111 44.03 11.84 9.68
N ASP C 112 43.03 10.98 9.85
CA ASP C 112 43.07 10.02 11.00
C ASP C 112 43.27 8.57 10.55
N ASP C 113 43.59 8.34 9.27
CA ASP C 113 43.71 6.99 8.71
C ASP C 113 45.12 6.43 8.93
N LEU C 114 45.28 5.11 8.81
CA LEU C 114 46.57 4.40 8.94
C LEU C 114 46.82 3.62 7.65
N LEU C 115 48.07 3.66 7.15
CA LEU C 115 48.51 2.78 6.08
C LEU C 115 49.31 1.63 6.68
N HIS C 116 49.00 0.41 6.23
CA HIS C 116 49.87 -0.74 6.37
C HIS C 116 51.21 -0.42 5.67
N GLU C 117 52.32 -0.90 6.21
CA GLU C 117 53.65 -0.58 5.68
C GLU C 117 53.86 -1.07 4.23
N ARG C 118 53.13 -2.10 3.79
CA ARG C 118 53.26 -2.67 2.41
C ARG C 118 52.31 -2.01 1.41
N ALA C 119 51.45 -1.08 1.87
CA ALA C 119 50.34 -0.53 1.07
C ALA C 119 50.81 0.06 -0.27
N LEU C 120 51.72 1.04 -0.24
CA LEU C 120 52.03 1.76 -1.48
C LEU C 120 52.72 0.80 -2.47
N GLU C 121 53.62 -0.04 -1.97
CA GLU C 121 54.44 -0.91 -2.82
C GLU C 121 53.55 -1.97 -3.48
N ASP C 122 52.75 -2.65 -2.64
CA ASP C 122 51.90 -3.74 -3.06
C ASP C 122 50.83 -3.26 -4.04
N LEU C 123 50.21 -2.10 -3.78
CA LEU C 123 49.16 -1.62 -4.69
C LEU C 123 49.78 -1.10 -6.00
N TYR C 124 50.90 -0.36 -5.89
CA TYR C 124 51.56 0.21 -7.05
C TYR C 124 52.03 -0.91 -7.99
N ASN C 125 52.69 -1.90 -7.42
CA ASN C 125 53.28 -3.01 -8.21
C ASN C 125 52.17 -3.79 -8.90
N TYR C 126 51.08 -4.05 -8.18
CA TYR C 126 49.95 -4.76 -8.76
C TYR C 126 49.30 -3.94 -9.88
N GLY C 127 49.20 -2.63 -9.68
CA GLY C 127 48.69 -1.73 -10.74
C GLY C 127 49.59 -1.73 -11.97
N LYS C 128 50.89 -1.72 -11.74
CA LYS C 128 51.87 -1.63 -12.78
C LYS C 128 51.83 -2.91 -13.62
N GLU C 129 51.79 -4.07 -12.93
CA GLU C 129 51.70 -5.36 -13.58
C GLU C 129 50.46 -5.45 -14.47
N ASN C 130 49.33 -4.89 -14.00
CA ASN C 130 48.06 -5.06 -14.67
C ASN C 130 47.61 -3.82 -15.44
N ASN C 131 48.49 -2.85 -15.63
CA ASN C 131 48.16 -1.62 -16.37
C ASN C 131 46.87 -0.99 -15.84
N SER C 132 46.79 -0.89 -14.51
CA SER C 132 45.57 -0.46 -13.79
C SER C 132 45.43 1.06 -13.78
N ASP C 133 44.21 1.51 -14.08
CA ASP C 133 43.81 2.89 -13.91
C ASP C 133 43.49 3.15 -12.44
N LEU C 134 43.14 2.09 -11.70
CA LEU C 134 42.66 2.18 -10.34
C LEU C 134 43.01 0.89 -9.62
N ILE C 135 43.61 0.99 -8.43
CA ILE C 135 43.85 -0.17 -7.54
C ILE C 135 43.15 0.10 -6.22
N ILE C 136 42.39 -0.91 -5.76
CA ILE C 136 41.60 -0.85 -4.53
C ILE C 136 42.15 -1.91 -3.56
N GLY C 137 42.63 -1.45 -2.40
CA GLY C 137 43.11 -2.37 -1.41
C GLY C 137 42.04 -2.69 -0.39
N LYS C 138 42.02 -3.93 0.08
CA LYS C 138 41.24 -4.32 1.23
C LYS C 138 41.63 -3.44 2.44
N TYR C 139 40.63 -3.10 3.25
CA TYR C 139 40.82 -2.26 4.42
C TYR C 139 39.75 -2.58 5.46
N GLY C 140 39.97 -2.03 6.65
CA GLY C 140 39.07 -2.17 7.74
C GLY C 140 38.94 -0.86 8.52
N VAL C 141 38.13 -0.94 9.57
CA VAL C 141 37.72 0.18 10.38
C VAL C 141 38.38 0.07 11.76
N GLU C 142 38.72 1.23 12.34
CA GLU C 142 39.32 1.29 13.66
C GLU C 142 38.46 0.51 14.64
N GLY C 143 39.10 -0.27 15.51
CA GLY C 143 38.44 -0.99 16.54
C GLY C 143 38.27 -2.46 16.24
N LYS C 144 38.06 -2.74 14.96
CA LYS C 144 37.52 -4.01 14.52
C LYS C 144 38.61 -5.08 14.45
N GLY C 145 39.82 -4.68 14.05
CA GLY C 145 40.93 -5.58 13.91
C GLY C 145 40.79 -6.49 12.68
N ARG C 146 39.86 -6.18 11.78
CA ARG C 146 39.63 -7.00 10.58
C ARG C 146 39.07 -6.10 9.49
N SER C 147 39.10 -6.59 8.24
CA SER C 147 38.70 -5.81 7.07
C SER C 147 37.17 -5.65 7.01
N VAL C 148 36.67 -4.64 6.29
CA VAL C 148 35.23 -4.46 6.15
C VAL C 148 34.66 -5.64 5.36
N PRO C 149 33.39 -6.00 5.61
CA PRO C 149 32.80 -7.19 4.97
C PRO C 149 32.20 -6.92 3.58
N LYS C 150 32.90 -6.19 2.72
CA LYS C 150 32.32 -5.81 1.46
C LYS C 150 32.59 -6.91 0.44
N ALA C 151 31.63 -7.09 -0.49
CA ALA C 151 31.70 -8.10 -1.51
C ALA C 151 32.94 -7.91 -2.40
N ILE C 152 33.33 -6.65 -2.63
CA ILE C 152 34.50 -6.30 -3.48
C ILE C 152 35.75 -7.07 -3.08
N PHE C 153 35.91 -7.41 -1.78
CA PHE C 153 37.13 -8.05 -1.28
C PHE C 153 36.94 -9.56 -1.03
N GLU C 154 35.77 -10.10 -1.39
CA GLU C 154 35.43 -11.47 -0.99
C GLU C 154 35.88 -12.49 -2.06
N LYS C 155 36.36 -12.02 -3.24
CA LYS C 155 36.83 -12.90 -4.33
C LYS C 155 38.36 -12.91 -4.43
N GLY C 156 39.07 -12.31 -3.46
CA GLY C 156 40.54 -12.34 -3.49
C GLY C 156 41.08 -11.37 -4.53
N ASN C 157 42.33 -11.55 -4.97
CA ASN C 157 42.96 -10.58 -5.89
C ASN C 157 42.28 -10.65 -7.26
N VAL C 158 41.94 -9.48 -7.81
CA VAL C 158 41.29 -9.39 -9.10
C VAL C 158 42.09 -8.38 -9.94
N ALA C 159 42.64 -8.86 -11.07
CA ALA C 159 43.54 -8.10 -11.88
C ALA C 159 42.78 -7.10 -12.74
N LYS C 160 41.67 -7.57 -13.32
CA LYS C 160 40.76 -6.80 -14.13
C LYS C 160 39.32 -6.99 -13.61
N ALA C 161 38.88 -6.07 -12.74
CA ALA C 161 37.58 -6.14 -12.10
C ALA C 161 36.48 -5.51 -12.98
N ASP C 162 35.23 -5.80 -12.63
CA ASP C 162 34.05 -5.30 -13.29
C ASP C 162 33.20 -4.56 -12.24
N ILE C 163 32.63 -3.41 -12.60
CA ILE C 163 31.85 -2.60 -11.65
C ILE C 163 30.74 -3.44 -11.01
N ILE C 164 30.05 -4.25 -11.82
CA ILE C 164 28.92 -5.01 -11.36
C ILE C 164 29.38 -6.32 -10.69
N ASP C 165 30.25 -7.09 -11.35
CA ASP C 165 30.56 -8.41 -10.86
C ASP C 165 31.33 -8.32 -9.54
N ASN C 166 32.08 -7.21 -9.31
CA ASN C 166 32.94 -7.08 -8.13
C ASN C 166 32.41 -6.00 -7.17
N SER C 167 31.14 -5.62 -7.35
CA SER C 167 30.39 -4.84 -6.39
C SER C 167 31.08 -3.51 -6.07
N ILE C 168 31.59 -2.81 -7.10
CA ILE C 168 32.41 -1.62 -6.89
C ILE C 168 31.53 -0.44 -6.47
N PHE C 169 30.23 -0.41 -6.84
CA PHE C 169 29.32 0.66 -6.43
C PHE C 169 29.10 0.65 -4.90
N TYR C 170 29.45 -0.44 -4.23
CA TYR C 170 29.36 -0.55 -2.78
C TYR C 170 30.69 -0.17 -2.09
N ALA C 171 31.68 0.32 -2.87
CA ALA C 171 32.97 0.71 -2.32
C ALA C 171 33.47 1.98 -3.02
N LEU C 172 32.71 3.09 -2.92
CA LEU C 172 32.97 4.32 -3.68
C LEU C 172 33.83 5.36 -2.93
N SER C 173 34.43 5.01 -1.78
CA SER C 173 35.45 5.90 -1.12
C SER C 173 36.61 6.22 -2.08
N VAL C 174 37.36 7.28 -1.76
CA VAL C 174 38.54 7.63 -2.54
C VAL C 174 39.83 7.13 -1.85
N LEU C 175 39.72 6.12 -0.96
CA LEU C 175 40.90 5.40 -0.47
C LEU C 175 41.26 4.30 -1.46
N LYS C 176 41.73 4.81 -2.60
CA LYS C 176 42.17 4.03 -3.71
C LYS C 176 43.42 4.70 -4.29
N MET C 177 44.18 3.94 -5.07
CA MET C 177 45.27 4.47 -5.85
C MET C 177 44.76 4.73 -7.27
N PHE C 178 44.75 6.01 -7.67
CA PHE C 178 44.19 6.50 -8.93
C PHE C 178 45.32 6.92 -9.89
N LYS C 179 45.23 6.51 -11.17
CA LYS C 179 46.21 6.92 -12.15
C LYS C 179 46.00 8.41 -12.45
N LYS C 180 47.07 9.17 -12.27
CA LYS C 180 47.02 10.62 -12.35
C LYS C 180 46.69 11.15 -13.75
N SER C 181 47.19 10.51 -14.80
CA SER C 181 46.91 10.98 -16.18
C SER C 181 45.40 10.95 -16.47
N VAL C 182 44.70 9.99 -15.88
CA VAL C 182 43.25 9.91 -16.08
C VAL C 182 42.59 11.16 -15.50
N ILE C 183 42.99 11.53 -14.28
CA ILE C 183 42.50 12.74 -13.59
C ILE C 183 42.84 14.00 -14.40
N ASP C 184 44.10 14.14 -14.88
CA ASP C 184 44.57 15.35 -15.56
C ASP C 184 43.88 15.51 -16.92
N LYS C 185 43.83 14.43 -17.72
CA LYS C 185 43.33 14.53 -19.11
C LYS C 185 41.83 14.84 -19.12
N ASN C 186 41.07 14.31 -18.14
CA ASN C 186 39.64 14.54 -18.09
C ASN C 186 39.27 15.63 -17.06
N LYS C 187 40.24 16.35 -16.47
CA LYS C 187 39.96 17.46 -15.55
C LYS C 187 39.03 17.02 -14.42
N ILE C 188 39.30 15.87 -13.81
CA ILE C 188 38.49 15.37 -12.70
C ILE C 188 38.89 16.10 -11.42
N LYS C 189 37.89 16.70 -10.76
CA LYS C 189 38.12 17.49 -9.54
C LYS C 189 37.02 17.14 -8.52
N PHE C 190 37.36 17.27 -7.25
CA PHE C 190 36.37 17.17 -6.22
C PHE C 190 35.45 18.41 -6.31
N LYS C 191 34.15 18.21 -6.12
CA LYS C 191 33.14 19.26 -6.14
C LYS C 191 32.89 19.71 -4.70
N THR C 192 32.39 20.94 -4.55
CA THR C 192 32.02 21.51 -3.23
C THR C 192 30.48 21.68 -3.16
N PHE C 193 29.74 20.73 -3.74
CA PHE C 193 28.24 20.78 -3.84
C PHE C 193 27.66 20.50 -2.46
N SER C 194 28.23 19.48 -1.80
CA SER C 194 27.81 19.05 -0.47
C SER C 194 29.00 18.35 0.22
N LYS C 195 28.93 18.25 1.55
CA LYS C 195 29.94 17.50 2.29
C LYS C 195 29.79 16.03 1.90
N THR C 196 28.55 15.53 2.02
CA THR C 196 28.20 14.14 1.75
C THR C 196 28.34 13.84 0.24
N ALA C 197 28.90 12.66 -0.03
CA ALA C 197 28.90 12.01 -1.34
C ALA C 197 29.85 12.70 -2.34
N GLU C 198 30.69 13.63 -1.91
CA GLU C 198 31.66 14.26 -2.81
C GLU C 198 32.74 13.23 -3.17
N ASP C 199 33.04 12.33 -2.23
CA ASP C 199 34.02 11.28 -2.45
C ASP C 199 33.44 10.25 -3.45
N GLN C 200 32.15 9.92 -3.30
CA GLN C 200 31.49 8.99 -4.20
C GLN C 200 31.52 9.53 -5.62
N LEU C 201 31.25 10.83 -5.78
CA LEU C 201 31.14 11.43 -7.10
C LEU C 201 32.48 11.37 -7.83
N PHE C 202 33.57 11.65 -7.11
CA PHE C 202 34.89 11.64 -7.67
C PHE C 202 35.19 10.23 -8.18
N THR C 203 34.93 9.21 -7.36
CA THR C 203 35.19 7.81 -7.75
C THR C 203 34.35 7.41 -8.98
N ILE C 204 33.07 7.81 -8.97
CA ILE C 204 32.20 7.55 -10.10
C ILE C 204 32.76 8.20 -11.37
N GLU C 205 33.12 9.49 -11.31
CA GLU C 205 33.67 10.21 -12.49
C GLU C 205 34.92 9.48 -13.01
N PHE C 206 35.76 9.04 -12.07
CA PHE C 206 37.00 8.30 -12.41
C PHE C 206 36.64 6.95 -13.09
N LEU C 207 35.76 6.17 -12.45
CA LEU C 207 35.35 4.85 -12.98
C LEU C 207 34.79 5.00 -14.38
N MET C 208 34.02 6.06 -14.61
CA MET C 208 33.32 6.24 -15.92
C MET C 208 34.31 6.71 -17.01
N ASN C 209 35.55 7.02 -16.59
CA ASN C 209 36.61 7.53 -17.47
C ASN C 209 37.80 6.56 -17.57
N SER C 210 37.65 5.35 -17.06
CA SER C 210 38.73 4.37 -17.02
C SER C 210 38.10 2.98 -17.19
N LYS C 211 38.93 1.94 -17.32
CA LYS C 211 38.40 0.61 -17.57
C LYS C 211 39.20 -0.51 -16.90
N ASN C 212 40.44 -0.23 -16.48
CA ASN C 212 41.30 -1.23 -15.88
C ASN C 212 41.30 -1.02 -14.37
N TYR C 213 40.61 -1.90 -13.65
CA TYR C 213 40.46 -1.78 -12.20
C TYR C 213 41.00 -3.04 -11.53
N SER C 214 41.84 -2.86 -10.50
CA SER C 214 42.45 -3.96 -9.80
C SER C 214 42.06 -3.92 -8.32
N ILE C 215 42.00 -5.11 -7.71
CA ILE C 215 41.62 -5.28 -6.33
C ILE C 215 42.67 -6.16 -5.66
N LYS C 216 43.30 -5.67 -4.60
CA LYS C 216 44.34 -6.38 -3.88
C LYS C 216 43.93 -6.59 -2.42
N THR C 217 44.08 -7.82 -1.89
CA THR C 217 43.44 -8.25 -0.65
C THR C 217 44.35 -9.13 0.22
N ASP C 218 45.67 -9.06 0.03
CA ASP C 218 46.61 -9.88 0.80
C ASP C 218 46.69 -9.41 2.25
N TYR C 219 46.38 -8.13 2.49
CA TYR C 219 46.52 -7.53 3.83
C TYR C 219 45.38 -6.53 4.04
N GLU C 220 45.20 -6.14 5.28
CA GLU C 220 44.42 -4.97 5.60
C GLU C 220 45.33 -3.76 5.34
N TYR C 221 45.28 -3.24 4.11
CA TYR C 221 46.22 -2.24 3.61
C TYR C 221 46.03 -0.86 4.26
N TYR C 222 44.81 -0.54 4.69
CA TYR C 222 44.59 0.64 5.49
C TYR C 222 43.49 0.41 6.54
N ILE C 223 43.52 1.27 7.55
CA ILE C 223 42.60 1.29 8.68
C ILE C 223 42.01 2.68 8.75
N VAL C 224 40.68 2.77 8.64
CA VAL C 224 39.97 4.06 8.53
C VAL C 224 39.08 4.26 9.77
N VAL C 225 38.71 5.51 10.01
CA VAL C 225 37.97 5.85 11.26
C VAL C 225 36.47 5.58 11.06
N THR C 240 16.88 19.29 4.16
CA THR C 240 16.11 19.45 2.93
C THR C 240 16.60 18.43 1.90
N GLY C 241 17.91 18.13 1.91
CA GLY C 241 18.53 17.19 0.96
C GLY C 241 18.91 17.84 -0.38
N ASN C 242 18.83 19.18 -0.48
CA ASN C 242 19.00 19.87 -1.76
C ASN C 242 20.45 19.73 -2.26
N GLN C 243 21.44 19.84 -1.36
CA GLN C 243 22.85 19.70 -1.74
C GLN C 243 23.15 18.22 -2.04
N TYR C 244 22.69 17.30 -1.17
CA TYR C 244 22.93 15.85 -1.30
C TYR C 244 22.37 15.34 -2.64
N PHE C 245 21.12 15.67 -2.96
CA PHE C 245 20.55 15.18 -4.23
C PHE C 245 21.18 15.85 -5.46
N ALA C 246 21.75 17.06 -5.32
CA ALA C 246 22.55 17.66 -6.39
C ALA C 246 23.77 16.78 -6.72
N THR C 247 24.40 16.21 -5.69
CA THR C 247 25.53 15.32 -5.86
C THR C 247 25.07 14.01 -6.53
N ILE C 248 23.98 13.43 -6.05
CA ILE C 248 23.45 12.18 -6.64
C ILE C 248 23.11 12.42 -8.11
N ASN C 249 22.54 13.58 -8.45
CA ASN C 249 22.25 13.96 -9.81
C ASN C 249 23.52 13.96 -10.69
N GLU C 250 24.65 14.43 -10.13
CA GLU C 250 25.93 14.46 -10.88
C GLU C 250 26.45 13.04 -11.11
N ILE C 251 26.17 12.10 -10.18
CA ILE C 251 26.53 10.72 -10.33
C ILE C 251 25.81 10.12 -11.56
N TYR C 252 24.47 10.29 -11.65
CA TYR C 252 23.75 9.77 -12.78
C TYR C 252 24.22 10.44 -14.08
N LYS C 253 24.54 11.75 -14.04
CA LYS C 253 25.02 12.43 -15.24
C LYS C 253 26.35 11.82 -15.70
N ALA C 254 27.19 11.46 -14.73
CA ALA C 254 28.51 10.91 -15.02
C ALA C 254 28.36 9.58 -15.77
N ILE C 255 27.43 8.74 -15.31
CA ILE C 255 27.18 7.43 -15.89
C ILE C 255 26.66 7.57 -17.33
N TYR C 256 25.66 8.45 -17.51
CA TYR C 256 24.98 8.60 -18.79
C TYR C 256 25.80 9.38 -19.82
N LYS C 257 26.89 10.04 -19.40
CA LYS C 257 27.80 10.67 -20.33
C LYS C 257 29.14 9.91 -20.42
N SER C 258 29.24 8.69 -19.86
CA SER C 258 30.54 7.98 -19.82
C SER C 258 31.12 7.82 -21.23
N PRO C 259 32.36 8.30 -21.49
CA PRO C 259 32.97 8.07 -22.80
C PRO C 259 33.64 6.68 -22.93
N ILE C 260 33.64 5.87 -21.85
CA ILE C 260 34.06 4.45 -21.80
C ILE C 260 32.86 3.51 -21.99
N TYR C 261 31.81 3.69 -21.19
CA TYR C 261 30.59 2.91 -21.27
C TYR C 261 29.58 3.71 -22.12
N LYS C 262 29.73 3.55 -23.44
CA LYS C 262 29.00 4.34 -24.43
C LYS C 262 27.69 3.67 -24.82
N ASN C 263 27.59 2.35 -24.64
CA ASN C 263 26.38 1.64 -25.04
C ASN C 263 25.23 2.12 -24.14
N GLN C 264 24.07 2.45 -24.71
CA GLN C 264 22.97 3.06 -23.91
C GLN C 264 22.42 2.04 -22.88
N GLU C 265 22.28 0.78 -23.30
CA GLU C 265 21.77 -0.23 -22.37
C GLU C 265 22.75 -0.47 -21.22
N LYS C 266 24.06 -0.40 -21.48
CA LYS C 266 25.04 -0.61 -20.39
C LYS C 266 24.95 0.53 -19.37
N ARG C 267 24.67 1.75 -19.87
CA ARG C 267 24.44 2.91 -19.04
C ARG C 267 23.21 2.67 -18.16
N HIS C 268 22.12 2.12 -18.75
CA HIS C 268 20.91 1.85 -17.99
C HIS C 268 21.22 0.84 -16.88
N GLN C 269 22.04 -0.17 -17.20
CA GLN C 269 22.36 -1.19 -16.26
C GLN C 269 23.18 -0.58 -15.11
N LEU C 270 24.17 0.25 -15.48
CA LEU C 270 25.01 0.87 -14.42
C LEU C 270 24.16 1.78 -13.51
N ALA C 271 23.27 2.58 -14.10
CA ALA C 271 22.37 3.49 -13.37
C ALA C 271 21.47 2.72 -12.42
N GLY C 272 20.90 1.61 -12.89
CA GLY C 272 20.00 0.76 -12.12
C GLY C 272 20.71 0.11 -10.95
N LYS C 273 21.96 -0.29 -11.17
CA LYS C 273 22.75 -0.87 -10.10
C LYS C 273 23.10 0.22 -9.07
N TYR C 274 23.29 1.46 -9.53
CA TYR C 274 23.56 2.55 -8.62
C TYR C 274 22.28 2.89 -7.83
N THR C 275 21.13 2.89 -8.50
CA THR C 275 19.87 3.10 -7.82
C THR C 275 19.70 2.08 -6.66
N THR C 276 20.02 0.82 -6.92
CA THR C 276 19.92 -0.23 -5.92
C THR C 276 20.78 0.12 -4.71
N ARG C 277 22.03 0.52 -4.99
CA ARG C 277 22.97 0.84 -3.93
C ARG C 277 22.42 2.02 -3.11
N LEU C 278 21.86 3.01 -3.79
CA LEU C 278 21.29 4.19 -3.15
C LEU C 278 20.14 3.80 -2.20
N LEU C 279 19.25 2.92 -2.66
CA LEU C 279 18.12 2.46 -1.85
C LEU C 279 18.61 1.56 -0.71
N ARG C 280 19.69 0.82 -0.93
CA ARG C 280 20.22 -0.04 0.13
C ARG C 280 21.04 0.75 1.16
N HIS C 281 21.79 1.78 0.75
CA HIS C 281 22.79 2.37 1.69
C HIS C 281 22.79 3.90 1.69
N GLY C 282 21.87 4.53 0.96
CA GLY C 282 21.84 5.99 0.86
C GLY C 282 21.54 6.63 2.20
N GLN C 283 21.79 7.94 2.26
CA GLN C 283 21.55 8.75 3.43
C GLN C 283 20.05 8.79 3.72
N LYS C 284 19.70 8.64 5.00
CA LYS C 284 18.30 8.72 5.50
C LYS C 284 17.41 7.81 4.65
N LYS C 285 17.87 6.57 4.44
CA LYS C 285 17.17 5.68 3.52
C LYS C 285 15.77 5.36 4.04
N ASN C 286 15.60 5.35 5.36
CA ASN C 286 14.32 5.04 6.01
C ASN C 286 13.66 6.30 6.57
N PHE C 287 13.81 7.42 5.86
CA PHE C 287 13.26 8.67 6.35
C PHE C 287 11.74 8.60 6.51
N ALA C 288 11.03 7.84 5.65
CA ALA C 288 9.56 8.00 5.50
C ALA C 288 8.80 7.73 6.82
N ASN C 289 9.22 6.71 7.59
CA ASN C 289 8.55 6.36 8.85
C ASN C 289 9.36 6.86 10.07
N SER C 290 10.33 7.74 9.85
CA SER C 290 11.24 8.24 10.88
C SER C 290 10.56 9.35 11.69
N LYS C 291 11.26 9.89 12.69
CA LYS C 291 10.68 10.96 13.52
C LYS C 291 10.93 12.36 12.92
N MET C 292 11.46 12.41 11.70
CA MET C 292 11.65 13.65 10.95
C MET C 292 10.31 14.41 10.84
N LYS C 293 10.34 15.76 10.90
CA LYS C 293 9.13 16.60 10.73
C LYS C 293 8.54 16.34 9.34
N TYR C 294 7.22 16.42 9.24
CA TYR C 294 6.52 16.21 7.99
C TYR C 294 7.12 17.09 6.88
N GLU C 295 7.26 18.40 7.15
CA GLU C 295 7.75 19.39 6.17
C GLU C 295 9.12 18.98 5.61
N ASP C 296 9.96 18.42 6.50
CA ASP C 296 11.31 17.94 6.14
C ASP C 296 11.20 16.70 5.24
N LYS C 297 10.26 15.80 5.57
CA LYS C 297 10.02 14.59 4.81
C LYS C 297 9.59 14.95 3.38
N ILE C 298 8.73 15.94 3.26
CA ILE C 298 8.22 16.33 1.97
C ILE C 298 9.34 16.95 1.13
N GLU C 299 10.13 17.83 1.74
CA GLU C 299 11.26 18.50 1.10
C GLU C 299 12.29 17.46 0.61
N TRP C 300 12.66 16.54 1.50
CA TRP C 300 13.58 15.45 1.20
C TRP C 300 13.06 14.61 0.00
N LEU C 301 11.82 14.11 0.12
CA LEU C 301 11.26 13.29 -0.92
C LEU C 301 11.17 14.09 -2.23
N ASN C 302 10.81 15.38 -2.18
CA ASN C 302 10.67 16.18 -3.43
C ASN C 302 12.01 16.26 -4.19
N ASN C 303 13.11 16.52 -3.45
CA ASN C 303 14.46 16.59 -4.03
C ASN C 303 14.82 15.24 -4.64
N PHE C 304 14.56 14.17 -3.89
CA PHE C 304 14.86 12.79 -4.26
C PHE C 304 14.14 12.45 -5.56
N SER C 305 12.86 12.84 -5.61
CA SER C 305 11.98 12.51 -6.69
C SER C 305 12.38 13.28 -7.97
N LYS C 306 12.64 14.59 -7.85
CA LYS C 306 13.10 15.44 -9.00
C LYS C 306 14.40 14.87 -9.59
N THR C 307 15.26 14.30 -8.73
CA THR C 307 16.54 13.75 -9.16
C THR C 307 16.33 12.41 -9.89
N ILE C 308 15.60 11.48 -9.27
CA ILE C 308 15.36 10.17 -9.85
C ILE C 308 14.58 10.33 -11.17
N ASN C 309 13.71 11.33 -11.29
CA ASN C 309 12.91 11.48 -12.52
C ASN C 309 13.72 12.00 -13.70
N LYS C 310 14.99 12.39 -13.48
CA LYS C 310 15.92 12.67 -14.59
C LYS C 310 16.65 11.39 -15.03
N VAL C 311 16.47 10.29 -14.29
CA VAL C 311 17.01 9.02 -14.63
C VAL C 311 15.99 8.29 -15.50
N PRO C 312 16.37 7.87 -16.73
CA PRO C 312 15.50 7.07 -17.58
C PRO C 312 14.94 5.84 -16.86
N ARG C 313 13.65 5.58 -17.10
CA ARG C 313 12.97 4.45 -16.50
C ARG C 313 13.51 3.12 -17.03
N ASP C 314 14.18 3.14 -18.18
CA ASP C 314 14.84 1.95 -18.71
C ASP C 314 15.85 1.37 -17.70
N SER C 315 16.30 2.15 -16.70
CA SER C 315 17.28 1.65 -15.73
C SER C 315 16.59 0.81 -14.65
N ASP C 316 15.28 1.02 -14.45
CA ASP C 316 14.55 0.49 -13.29
C ASP C 316 14.51 -1.04 -13.28
N LYS C 317 14.56 -1.67 -14.47
CA LYS C 317 14.45 -3.13 -14.57
C LYS C 317 15.72 -3.79 -14.03
N TYR C 318 16.79 -3.01 -13.85
CA TYR C 318 18.02 -3.52 -13.30
C TYR C 318 18.10 -3.34 -11.78
N VAL C 319 17.12 -2.65 -11.17
CA VAL C 319 17.05 -2.54 -9.71
C VAL C 319 16.49 -3.87 -9.17
N THR C 320 17.06 -4.37 -8.08
CA THR C 320 16.57 -5.58 -7.35
C THR C 320 15.06 -5.44 -7.10
N GLN C 321 14.31 -6.51 -7.37
CA GLN C 321 12.83 -6.40 -7.51
C GLN C 321 12.13 -6.04 -6.18
N ILE C 322 12.68 -6.42 -5.03
CA ILE C 322 12.07 -6.08 -3.73
C ILE C 322 11.84 -4.55 -3.60
N PHE C 323 12.62 -3.74 -4.33
CA PHE C 323 12.54 -2.27 -4.23
C PHE C 323 11.59 -1.67 -5.27
N ASN C 324 10.88 -2.52 -6.02
CA ASN C 324 10.07 -2.05 -7.15
C ASN C 324 9.07 -0.99 -6.66
N LEU C 325 8.41 -1.25 -5.52
CA LEU C 325 7.35 -0.33 -4.98
C LEU C 325 8.01 0.98 -4.48
N LYS C 326 9.06 0.83 -3.67
CA LYS C 326 9.71 2.02 -3.09
C LYS C 326 10.18 2.98 -4.19
N LEU C 327 10.82 2.42 -5.24
CA LEU C 327 11.34 3.21 -6.34
C LEU C 327 10.21 3.94 -7.07
N GLU C 328 9.12 3.23 -7.39
CA GLU C 328 8.00 3.85 -8.10
C GLU C 328 7.39 4.94 -7.21
N ALA C 329 7.32 4.66 -5.91
CA ALA C 329 6.73 5.65 -4.95
C ALA C 329 7.57 6.95 -4.93
N ILE C 330 8.91 6.82 -5.06
CA ILE C 330 9.76 7.98 -5.13
C ILE C 330 9.55 8.72 -6.44
N ARG C 331 9.49 8.00 -7.56
CA ARG C 331 9.27 8.64 -8.84
C ARG C 331 7.95 9.43 -8.82
N GLN C 332 6.93 8.88 -8.15
CA GLN C 332 5.59 9.49 -8.08
C GLN C 332 5.56 10.58 -7.00
N ASN C 333 6.62 10.74 -6.22
CA ASN C 333 6.69 11.79 -5.19
C ASN C 333 5.52 11.61 -4.18
N ASP C 334 5.34 10.37 -3.69
CA ASP C 334 4.17 9.98 -2.88
C ASP C 334 4.63 9.43 -1.52
N LEU C 335 4.55 10.27 -0.49
CA LEU C 335 5.14 9.98 0.81
C LEU C 335 4.45 8.77 1.44
N LEU C 336 3.12 8.70 1.30
CA LEU C 336 2.35 7.64 1.94
C LEU C 336 2.82 6.29 1.36
N ALA C 337 3.07 6.29 0.04
CA ALA C 337 3.48 5.07 -0.66
C ALA C 337 4.91 4.67 -0.24
N VAL C 338 5.79 5.64 0.00
CA VAL C 338 7.10 5.31 0.52
C VAL C 338 7.00 4.72 1.93
N MET C 339 6.11 5.29 2.77
CA MET C 339 5.93 4.81 4.10
C MET C 339 5.49 3.34 4.05
N ILE C 340 4.50 3.07 3.20
CA ILE C 340 3.96 1.75 3.04
C ILE C 340 5.05 0.82 2.49
N ALA C 341 5.79 1.26 1.46
CA ALA C 341 6.85 0.44 0.85
C ALA C 341 7.81 -0.02 1.95
N ASP C 342 8.19 0.91 2.87
CA ASP C 342 9.14 0.60 3.90
C ASP C 342 8.55 -0.39 4.89
N LYS C 343 7.25 -0.30 5.19
CA LYS C 343 6.63 -1.23 6.12
C LYS C 343 6.62 -2.65 5.54
N LEU C 344 6.57 -2.78 4.22
CA LEU C 344 6.48 -4.10 3.58
C LEU C 344 7.88 -4.70 3.41
N LEU C 345 8.92 -3.88 3.48
CA LEU C 345 10.34 -4.33 3.40
C LEU C 345 10.83 -4.88 4.75
#